data_6Q78
#
_entry.id   6Q78
#
_cell.length_a   94.119
_cell.length_b   60.358
_cell.length_c   148.995
_cell.angle_alpha   90.00
_cell.angle_beta   95.92
_cell.angle_gamma   90.00
#
_symmetry.space_group_name_H-M   'C 1 2 1'
#
loop_
_entity.id
_entity.type
_entity.pdbx_description
1 polymer GH26C
2 non-polymer 2-AMINO-2-HYDROXYMETHYL-PROPANE-1,3-DIOL
3 water water
#
_entity_poly.entity_id   1
_entity_poly.type   'polypeptide(L)'
_entity_poly.pdbx_seq_one_letter_code
;MGSSHHHHHHSSGMSGCSKDSDSGFYEPEPIEEDPTPENPLPPGELDFEPEETRSFMVNPDATEETVALFYNLKLLSQNS
FIVGQQDAFSSFYQDNAGDSDIKKMTGSDPGLLGSDFMFITDDLNDGTPSNWFFQQENQIRDDVLRAFDMGLVNVFCWHF
REPFEGEHFYTSEMTQFQRENALKSILPGGENHDYYKQKLEKIASFTKSLVGSNGALVPIIFRPFHEFDGDWFWWGQSFC
TIEEYIQLWQFTVTYLKNTLSVNNMLFAFSPDNRFFSESEYLARYPGDDFVDIMGMDNYGDFNNQGQAGVERANQKLKIV
SDLAEERVKIASLTETGYFVTLSENGAIPGFFTNNLFEALTHNDVKIGFTMFWYNYQDTYCTPVPGLPSANDFMEFVSKP
EVILADDLPEMYRLPPNS
;
_entity_poly.pdbx_strand_id   A,B
#
loop_
_chem_comp.id
_chem_comp.type
_chem_comp.name
_chem_comp.formula
TRS non-polymer 2-AMINO-2-HYDROXYMETHYL-PROPANE-1,3-DIOL 'C4 H12 N O3 1'
#
# COMPACT_ATOMS: atom_id res chain seq x y z
N GLY A 44 -4.22 33.07 -1.63
CA GLY A 44 -4.08 32.07 -0.57
C GLY A 44 -4.11 32.67 0.82
N GLU A 45 -4.56 31.88 1.80
CA GLU A 45 -4.68 32.35 3.17
C GLU A 45 -4.23 31.25 4.13
N LEU A 46 -3.59 31.67 5.22
CA LEU A 46 -3.15 30.78 6.30
C LEU A 46 -3.80 31.20 7.61
N ASP A 47 -3.78 30.28 8.57
CA ASP A 47 -4.40 30.49 9.87
C ASP A 47 -3.45 31.11 10.89
N PHE A 48 -2.24 31.49 10.46
CA PHE A 48 -1.27 32.16 11.33
C PHE A 48 -0.63 33.32 10.57
N GLU A 49 -0.10 34.29 11.34
CA GLU A 49 0.55 35.45 10.76
C GLU A 49 2.01 35.14 10.43
N PRO A 50 2.56 35.82 9.43
CA PRO A 50 3.98 35.59 9.09
C PRO A 50 4.92 35.69 10.28
N GLU A 51 4.68 36.67 11.16
CA GLU A 51 5.60 36.92 12.27
C GLU A 51 5.65 35.77 13.26
N GLU A 52 4.63 34.91 13.26
CA GLU A 52 4.56 33.74 14.12
C GLU A 52 5.15 32.48 13.51
N THR A 53 5.71 32.54 12.30
CA THR A 53 6.17 31.34 11.61
C THR A 53 7.16 30.54 12.44
N ARG A 54 8.07 31.23 13.14
CA ARG A 54 9.09 30.55 13.93
C ARG A 54 8.48 29.54 14.90
N SER A 55 7.27 29.82 15.41
CA SER A 55 6.66 28.94 16.40
C SER A 55 6.20 27.62 15.80
N PHE A 56 6.24 27.48 14.46
CA PHE A 56 5.82 26.27 13.78
C PHE A 56 6.96 25.51 13.15
N MET A 57 8.19 25.94 13.40
CA MET A 57 9.39 25.42 12.76
C MET A 57 10.19 24.52 13.71
N VAL A 58 10.87 23.52 13.12
CA VAL A 58 11.79 22.71 13.92
C VAL A 58 12.81 23.61 14.61
N ASN A 59 13.31 24.60 13.89
CA ASN A 59 14.33 25.49 14.43
C ASN A 59 13.78 26.90 14.54
N PRO A 60 13.20 27.29 15.68
CA PRO A 60 12.72 28.66 15.83
C PRO A 60 13.82 29.70 15.77
N ASP A 61 15.09 29.30 15.86
CA ASP A 61 16.22 30.22 15.73
C ASP A 61 16.80 30.25 14.32
N ALA A 62 16.03 29.80 13.33
CA ALA A 62 16.50 29.78 11.96
C ALA A 62 16.76 31.20 11.43
N THR A 63 17.56 31.29 10.36
CA THR A 63 17.81 32.60 9.76
C THR A 63 16.51 33.16 9.20
N GLU A 64 16.49 34.48 9.03
CA GLU A 64 15.28 35.14 8.53
C GLU A 64 14.84 34.57 7.17
N GLU A 65 15.78 34.28 6.28
CA GLU A 65 15.41 33.75 4.96
C GLU A 65 14.87 32.33 5.06
N THR A 66 15.32 31.54 6.06
CA THR A 66 14.82 30.18 6.25
C THR A 66 13.39 30.22 6.79
N VAL A 67 13.11 31.15 7.71
CA VAL A 67 11.74 31.36 8.18
C VAL A 67 10.84 31.79 7.02
N ALA A 68 11.32 32.72 6.19
CA ALA A 68 10.52 33.16 5.05
C ALA A 68 10.25 32.00 4.10
N LEU A 69 11.26 31.15 3.85
CA LEU A 69 11.03 30.00 2.98
C LEU A 69 9.91 29.11 3.52
N PHE A 70 9.92 28.81 4.81
CA PHE A 70 8.85 27.99 5.38
C PHE A 70 7.50 28.66 5.18
N TYR A 71 7.40 29.94 5.57
CA TYR A 71 6.12 30.63 5.43
C TYR A 71 5.65 30.61 3.98
N ASN A 72 6.55 30.96 3.06
CA ASN A 72 6.11 31.14 1.68
C ASN A 72 5.76 29.82 1.01
N LEU A 73 6.44 28.72 1.36
CA LEU A 73 6.04 27.42 0.82
C LEU A 73 4.67 27.02 1.34
N LYS A 74 4.44 27.24 2.64
CA LYS A 74 3.15 26.89 3.22
C LYS A 74 2.04 27.71 2.58
N LEU A 75 2.30 29.01 2.35
CA LEU A 75 1.30 29.90 1.76
C LEU A 75 0.99 29.49 0.33
N LEU A 76 2.02 29.29 -0.49
CA LEU A 76 1.74 29.00 -1.89
C LEU A 76 1.11 27.62 -2.06
N SER A 77 1.37 26.70 -1.12
CA SER A 77 0.77 25.36 -1.21
C SER A 77 -0.77 25.39 -1.14
N GLN A 78 -1.39 26.48 -0.64
CA GLN A 78 -2.85 26.50 -0.60
C GLN A 78 -3.45 26.31 -1.98
N ASN A 79 -2.81 26.83 -3.02
CA ASN A 79 -3.37 26.67 -4.34
C ASN A 79 -2.37 26.44 -5.46
N SER A 80 -1.09 26.28 -5.19
CA SER A 80 -0.10 26.20 -6.25
C SER A 80 1.02 25.29 -5.76
N PHE A 81 1.99 25.01 -6.64
CA PHE A 81 3.18 24.28 -6.22
C PHE A 81 4.36 24.55 -7.15
N ILE A 82 5.55 24.56 -6.55
CA ILE A 82 6.78 24.72 -7.35
C ILE A 82 7.15 23.39 -7.96
N VAL A 83 7.62 23.44 -9.21
CA VAL A 83 8.16 22.27 -9.89
C VAL A 83 9.67 22.43 -10.05
N GLY A 84 10.41 21.41 -9.61
CA GLY A 84 11.84 21.43 -9.81
C GLY A 84 12.41 20.11 -10.32
N GLN A 85 13.73 20.02 -10.37
CA GLN A 85 14.38 18.83 -10.89
C GLN A 85 15.76 18.66 -10.24
N GLN A 86 16.08 17.41 -9.93
CA GLN A 86 17.39 17.05 -9.38
C GLN A 86 18.48 17.41 -10.40
N ASP A 87 19.55 18.06 -9.93
CA ASP A 87 20.72 18.35 -10.76
C ASP A 87 20.37 19.07 -12.06
N ALA A 88 19.41 19.97 -11.97
CA ALA A 88 18.92 20.63 -13.19
C ALA A 88 20.03 21.41 -13.91
N PHE A 89 21.03 21.91 -13.19
CA PHE A 89 22.08 22.73 -13.81
C PHE A 89 23.35 21.94 -14.18
N SER A 90 23.38 20.63 -13.93
CA SER A 90 24.59 19.82 -14.17
C SER A 90 24.34 18.47 -14.82
N SER A 91 23.08 18.03 -14.97
CA SER A 91 22.77 16.74 -15.57
C SER A 91 21.72 16.96 -16.65
N PHE A 92 22.03 16.53 -17.88
CA PHE A 92 21.22 16.85 -19.03
C PHE A 92 21.00 15.61 -19.87
N TYR A 93 19.83 15.54 -20.51
CA TYR A 93 19.61 14.53 -21.54
C TYR A 93 20.70 14.61 -22.59
N GLN A 94 21.28 13.44 -22.90
CA GLN A 94 22.37 13.28 -23.88
C GLN A 94 23.57 14.18 -23.58
N ASP A 95 23.70 14.60 -22.32
CA ASP A 95 24.78 15.46 -21.85
C ASP A 95 24.91 16.71 -22.72
N ASN A 96 23.78 17.24 -23.15
CA ASN A 96 23.74 18.49 -23.93
C ASN A 96 23.73 19.62 -22.91
N ALA A 97 24.91 20.03 -22.47
CA ALA A 97 25.03 20.99 -21.37
C ALA A 97 24.79 22.40 -21.88
N GLY A 98 24.51 23.28 -20.94
CA GLY A 98 24.12 24.66 -21.23
C GLY A 98 22.96 25.00 -20.32
N ASP A 99 21.85 25.45 -20.88
CA ASP A 99 20.66 25.71 -20.05
C ASP A 99 20.14 24.40 -19.46
N SER A 100 19.48 24.49 -18.29
CA SER A 100 18.78 23.34 -17.75
C SER A 100 17.82 22.77 -18.80
N ASP A 101 17.59 21.45 -18.75
CA ASP A 101 16.65 20.88 -19.72
C ASP A 101 15.27 21.53 -19.57
N ILE A 102 14.82 21.84 -18.36
CA ILE A 102 13.51 22.46 -18.23
C ILE A 102 13.48 23.82 -18.93
N LYS A 103 14.60 24.56 -18.90
CA LYS A 103 14.64 25.83 -19.66
C LYS A 103 14.75 25.61 -21.16
N LYS A 104 15.50 24.58 -21.61
CA LYS A 104 15.47 24.25 -23.03
C LYS A 104 14.05 24.01 -23.51
N MET A 105 13.26 23.33 -22.67
CA MET A 105 11.91 22.90 -23.03
C MET A 105 10.90 24.03 -22.94
N THR A 106 10.89 24.75 -21.80
CA THR A 106 9.82 25.70 -21.46
C THR A 106 10.21 27.16 -21.62
N GLY A 107 11.50 27.47 -21.71
CA GLY A 107 11.98 28.83 -21.66
C GLY A 107 12.26 29.35 -20.27
N SER A 108 11.79 28.65 -19.22
CA SER A 108 12.05 29.02 -17.84
C SER A 108 12.89 27.96 -17.16
N ASP A 109 13.79 28.37 -16.27
CA ASP A 109 14.42 27.41 -15.35
C ASP A 109 13.36 26.81 -14.43
N PRO A 110 13.66 25.66 -13.82
CA PRO A 110 12.78 25.11 -12.79
C PRO A 110 12.67 26.09 -11.61
N GLY A 111 11.64 25.89 -10.76
CA GLY A 111 11.57 26.72 -9.56
C GLY A 111 12.32 26.18 -8.37
N LEU A 112 12.88 24.98 -8.51
CA LEU A 112 13.54 24.28 -7.41
C LEU A 112 14.66 23.42 -7.98
N LEU A 113 15.77 23.38 -7.26
CA LEU A 113 16.92 22.57 -7.61
C LEU A 113 17.16 21.52 -6.54
N GLY A 114 17.29 20.26 -6.95
CA GLY A 114 17.66 19.17 -6.04
C GLY A 114 19.14 18.89 -6.18
N SER A 115 19.80 18.72 -5.02
CA SER A 115 21.21 18.31 -4.96
C SER A 115 21.36 17.19 -3.95
N ASP A 116 22.59 16.67 -3.82
CA ASP A 116 22.83 15.46 -3.01
C ASP A 116 24.09 15.69 -2.20
N PHE A 117 24.05 15.35 -0.91
CA PHE A 117 25.26 15.36 -0.08
C PHE A 117 26.22 14.21 -0.34
N MET A 118 25.83 13.21 -1.16
CA MET A 118 26.66 12.03 -1.45
C MET A 118 28.16 12.31 -1.63
N PHE A 119 28.52 13.13 -2.62
CA PHE A 119 29.94 13.34 -2.89
C PHE A 119 30.57 14.27 -1.83
N ILE A 120 29.77 15.11 -1.19
CA ILE A 120 30.28 16.01 -0.17
C ILE A 120 30.74 15.25 1.05
N THR A 121 30.14 14.09 1.33
CA THR A 121 30.47 13.31 2.52
C THR A 121 31.29 12.07 2.21
N ASP A 122 31.78 11.93 0.99
CA ASP A 122 32.53 10.72 0.65
C ASP A 122 33.80 10.61 1.49
N ASP A 123 34.13 9.39 1.91
CA ASP A 123 35.37 9.17 2.66
C ASP A 123 36.58 9.72 1.93
N LEU A 124 36.57 9.71 0.60
CA LEU A 124 37.75 10.12 -0.14
C LEU A 124 37.73 11.59 -0.52
N ASN A 125 36.77 12.36 -0.05
CA ASN A 125 36.75 13.79 -0.33
C ASN A 125 37.65 14.50 0.67
N ASP A 126 38.84 14.89 0.21
CA ASP A 126 39.84 15.53 1.06
C ASP A 126 39.82 17.05 0.96
N GLY A 127 38.86 17.61 0.22
CA GLY A 127 38.68 19.04 0.25
C GLY A 127 39.59 19.84 -0.62
N THR A 128 40.40 19.21 -1.48
CA THR A 128 41.42 19.94 -2.21
C THR A 128 41.19 19.89 -3.73
N PRO A 129 41.75 20.87 -4.47
CA PRO A 129 41.38 21.03 -5.89
C PRO A 129 41.63 19.83 -6.80
N SER A 130 42.62 18.99 -6.50
CA SER A 130 42.90 17.85 -7.36
C SER A 130 41.90 16.71 -7.15
N ASN A 131 41.05 16.83 -6.14
CA ASN A 131 40.26 15.69 -5.71
C ASN A 131 38.91 15.73 -6.41
N TRP A 132 38.55 14.63 -7.08
CA TRP A 132 37.32 14.64 -7.89
C TRP A 132 36.08 14.86 -7.03
N PHE A 133 36.03 14.28 -5.84
CA PHE A 133 34.86 14.46 -5.00
C PHE A 133 34.73 15.91 -4.55
N PHE A 134 35.85 16.57 -4.24
CA PHE A 134 35.78 18.00 -3.92
C PHE A 134 35.36 18.80 -5.15
N GLN A 135 35.84 18.42 -6.34
CA GLN A 135 35.39 19.12 -7.54
C GLN A 135 33.87 19.01 -7.68
N GLN A 136 33.29 17.85 -7.37
CA GLN A 136 31.82 17.71 -7.42
C GLN A 136 31.17 18.59 -6.37
N GLU A 137 31.72 18.60 -5.16
CA GLU A 137 31.23 19.45 -4.07
C GLU A 137 31.21 20.90 -4.51
N ASN A 138 32.27 21.35 -5.17
CA ASN A 138 32.34 22.76 -5.57
C ASN A 138 31.36 23.08 -6.67
N GLN A 139 31.15 22.14 -7.60
CA GLN A 139 30.12 22.35 -8.62
C GLN A 139 28.72 22.39 -8.01
N ILE A 140 28.44 21.52 -7.03
CA ILE A 140 27.16 21.58 -6.31
C ILE A 140 27.01 22.94 -5.65
N ARG A 141 28.05 23.37 -4.96
CA ARG A 141 27.99 24.67 -4.26
C ARG A 141 27.69 25.81 -5.24
N ASP A 142 28.37 25.82 -6.40
CA ASP A 142 28.12 26.86 -7.40
C ASP A 142 26.68 26.79 -7.93
N ASP A 143 26.15 25.59 -8.16
CA ASP A 143 24.78 25.48 -8.68
C ASP A 143 23.75 25.91 -7.64
N VAL A 144 24.01 25.58 -6.35
CA VAL A 144 23.10 25.99 -5.28
C VAL A 144 23.10 27.51 -5.11
N LEU A 145 24.28 28.13 -5.15
CA LEU A 145 24.33 29.59 -5.03
C LEU A 145 23.67 30.26 -6.22
N ARG A 146 23.89 29.71 -7.43
CA ARG A 146 23.19 30.21 -8.63
C ARG A 146 21.68 30.11 -8.44
N ALA A 147 21.22 28.95 -7.96
CA ALA A 147 19.79 28.78 -7.74
C ALA A 147 19.25 29.81 -6.75
N PHE A 148 19.93 29.98 -5.62
CA PHE A 148 19.46 30.92 -4.61
C PHE A 148 19.46 32.35 -5.15
N ASP A 149 20.53 32.73 -5.89
CA ASP A 149 20.55 34.09 -6.45
C ASP A 149 19.39 34.35 -7.39
N MET A 150 18.88 33.31 -8.06
CA MET A 150 17.73 33.43 -8.96
C MET A 150 16.40 33.25 -8.22
N GLY A 151 16.46 32.93 -6.93
CA GLY A 151 15.27 32.78 -6.12
C GLY A 151 14.72 31.37 -6.00
N LEU A 152 15.37 30.39 -6.62
CA LEU A 152 14.89 29.03 -6.55
C LEU A 152 15.02 28.49 -5.14
N VAL A 153 14.24 27.44 -4.86
CA VAL A 153 14.34 26.66 -3.63
C VAL A 153 15.37 25.56 -3.84
N ASN A 154 16.15 25.25 -2.80
CA ASN A 154 17.16 24.17 -2.85
C ASN A 154 16.79 23.06 -1.88
N VAL A 155 16.79 21.82 -2.36
CA VAL A 155 16.55 20.63 -1.55
C VAL A 155 17.76 19.71 -1.69
N PHE A 156 18.25 19.17 -0.56
CA PHE A 156 19.30 18.16 -0.57
C PHE A 156 18.81 16.83 -0.01
N CYS A 157 19.04 15.76 -0.76
CA CYS A 157 18.95 14.41 -0.23
C CYS A 157 20.38 13.96 0.08
N TRP A 158 20.53 12.70 0.56
CA TRP A 158 21.84 12.23 0.98
C TRP A 158 21.94 10.73 0.68
N HIS A 159 22.57 10.39 -0.45
CA HIS A 159 22.88 8.99 -0.72
C HIS A 159 24.17 8.68 0.00
N PHE A 160 24.00 8.35 1.30
CA PHE A 160 25.10 8.19 2.26
C PHE A 160 25.64 6.78 2.18
N ARG A 161 26.87 6.64 1.71
CA ARG A 161 27.48 5.31 1.61
C ARG A 161 27.67 4.75 3.01
N GLU A 162 27.43 3.46 3.15
CA GLU A 162 27.38 2.84 4.46
C GLU A 162 28.75 2.95 5.14
N PRO A 163 28.76 2.98 6.47
CA PRO A 163 29.95 3.48 7.19
C PRO A 163 31.11 2.52 7.32
N PHE A 164 30.89 1.21 7.18
CA PHE A 164 31.99 0.27 7.42
C PHE A 164 33.06 0.38 6.35
N GLU A 165 32.65 0.44 5.08
CA GLU A 165 33.63 0.59 4.01
C GLU A 165 33.43 1.85 3.18
N GLY A 166 32.29 2.53 3.32
CA GLY A 166 32.13 3.79 2.63
C GLY A 166 31.98 3.73 1.12
N GLU A 167 31.61 2.58 0.56
CA GLU A 167 31.55 2.45 -0.88
C GLU A 167 30.14 2.40 -1.46
N HIS A 168 29.14 1.86 -0.72
CA HIS A 168 27.82 1.57 -1.29
C HIS A 168 26.72 2.07 -0.38
N PHE A 169 25.67 2.62 -0.99
CA PHE A 169 24.44 2.87 -0.26
C PHE A 169 23.32 1.92 -0.63
N TYR A 170 23.38 1.27 -1.79
CA TYR A 170 22.35 0.31 -2.18
C TYR A 170 22.64 -1.04 -1.52
N THR A 171 21.64 -1.57 -0.81
CA THR A 171 21.85 -2.81 -0.06
C THR A 171 22.24 -3.98 -0.96
N SER A 172 21.82 -3.98 -2.24
CA SER A 172 22.16 -5.10 -3.13
C SER A 172 23.65 -5.19 -3.40
N GLU A 173 24.38 -4.10 -3.17
CA GLU A 173 25.80 -4.03 -3.45
C GLU A 173 26.67 -4.24 -2.22
N MET A 174 26.10 -4.29 -1.02
CA MET A 174 26.94 -4.46 0.16
C MET A 174 26.81 -5.87 0.73
N THR A 175 27.59 -6.17 1.76
CA THR A 175 27.52 -7.48 2.38
C THR A 175 26.33 -7.58 3.32
N GLN A 176 25.98 -8.83 3.66
CA GLN A 176 24.91 -9.05 4.62
C GLN A 176 25.23 -8.38 5.96
N PHE A 177 26.49 -8.47 6.42
CA PHE A 177 26.84 -7.83 7.67
C PHE A 177 26.63 -6.32 7.58
N GLN A 178 27.04 -5.70 6.49
CA GLN A 178 26.87 -4.26 6.37
C GLN A 178 25.40 -3.86 6.38
N ARG A 179 24.58 -4.54 5.55
CA ARG A 179 23.14 -4.28 5.51
C ARG A 179 22.54 -4.31 6.92
N GLU A 180 22.87 -5.34 7.68
CA GLU A 180 22.20 -5.61 8.95
C GLU A 180 22.72 -4.74 10.08
N ASN A 181 23.86 -4.09 9.91
CA ASN A 181 24.48 -3.38 11.03
C ASN A 181 24.84 -1.93 10.75
N ALA A 182 24.71 -1.44 9.51
CA ALA A 182 25.15 -0.08 9.22
C ALA A 182 24.43 0.95 10.06
N LEU A 183 23.09 0.92 10.09
CA LEU A 183 22.35 1.96 10.81
C LEU A 183 22.57 1.83 12.31
N LYS A 184 22.48 0.61 12.83
CA LYS A 184 22.76 0.41 14.25
C LYS A 184 24.13 0.99 14.62
N SER A 185 25.12 0.87 13.73
CA SER A 185 26.48 1.28 14.07
C SER A 185 26.65 2.79 14.15
N ILE A 186 25.72 3.58 13.62
CA ILE A 186 25.88 5.04 13.68
C ILE A 186 25.09 5.68 14.81
N LEU A 187 24.29 4.90 15.54
CA LEU A 187 23.56 5.42 16.68
C LEU A 187 24.52 5.59 17.84
N PRO A 188 24.17 6.39 18.83
CA PRO A 188 25.01 6.49 20.03
C PRO A 188 25.26 5.11 20.60
N GLY A 189 26.52 4.81 20.93
CA GLY A 189 26.92 3.48 21.33
C GLY A 189 27.38 2.60 20.19
N GLY A 190 27.10 2.99 18.94
CA GLY A 190 27.56 2.21 17.79
C GLY A 190 29.03 2.46 17.50
N GLU A 191 29.67 1.46 16.88
CA GLU A 191 31.10 1.57 16.61
C GLU A 191 31.41 2.62 15.56
N ASN A 192 30.42 3.06 14.79
CA ASN A 192 30.63 4.11 13.78
C ASN A 192 29.98 5.44 14.15
N HIS A 193 29.69 5.66 15.43
CA HIS A 193 28.98 6.88 15.81
C HIS A 193 29.85 8.13 15.66
N ASP A 194 31.12 8.05 16.07
CA ASP A 194 32.00 9.21 15.86
C ASP A 194 32.21 9.48 14.37
N TYR A 195 32.34 8.42 13.57
CA TYR A 195 32.40 8.58 12.11
C TYR A 195 31.18 9.34 11.60
N TYR A 196 30.00 8.96 12.09
CA TYR A 196 28.78 9.63 11.62
C TYR A 196 28.73 11.09 12.08
N LYS A 197 29.15 11.37 13.31
CA LYS A 197 29.22 12.77 13.74
C LYS A 197 30.12 13.58 12.83
N GLN A 198 31.25 13.00 12.38
CA GLN A 198 32.14 13.73 11.47
C GLN A 198 31.45 14.02 10.15
N LYS A 199 30.65 13.08 9.65
CA LYS A 199 29.91 13.36 8.41
C LYS A 199 28.91 14.50 8.60
N LEU A 200 28.20 14.51 9.75
CA LEU A 200 27.29 15.63 10.02
C LEU A 200 28.05 16.94 10.15
N GLU A 201 29.24 16.89 10.72
CA GLU A 201 30.06 18.10 10.81
C GLU A 201 30.42 18.62 9.42
N LYS A 202 30.69 17.70 8.47
CA LYS A 202 30.96 18.13 7.10
C LYS A 202 29.72 18.72 6.45
N ILE A 203 28.55 18.09 6.64
CA ILE A 203 27.30 18.67 6.14
C ILE A 203 27.11 20.08 6.73
N ALA A 204 27.36 20.24 8.03
CA ALA A 204 27.15 21.54 8.66
C ALA A 204 28.11 22.58 8.12
N SER A 205 29.39 22.25 7.98
CA SER A 205 30.36 23.24 7.49
C SER A 205 30.03 23.62 6.05
N PHE A 206 29.64 22.64 5.22
CA PHE A 206 29.24 22.99 3.87
C PHE A 206 28.02 23.89 3.88
N THR A 207 27.00 23.50 4.65
CA THR A 207 25.75 24.26 4.65
C THR A 207 25.96 25.68 5.17
N LYS A 208 26.78 25.86 6.22
CA LYS A 208 27.01 27.20 6.75
C LYS A 208 27.92 28.03 5.86
N SER A 209 28.51 27.44 4.82
CA SER A 209 29.35 28.15 3.88
C SER A 209 28.56 28.75 2.74
N LEU A 210 27.27 28.43 2.62
CA LEU A 210 26.48 28.82 1.45
C LEU A 210 25.99 30.24 1.63
N VAL A 211 26.73 31.21 1.08
CA VAL A 211 26.38 32.64 1.18
C VAL A 211 26.01 33.14 -0.22
N GLY A 212 24.77 33.64 -0.37
CA GLY A 212 24.31 34.16 -1.65
C GLY A 212 24.96 35.49 -2.00
N SER A 213 24.71 35.93 -3.23
CA SER A 213 25.24 37.22 -3.67
C SER A 213 24.71 38.37 -2.81
N ASN A 214 23.56 38.19 -2.17
CA ASN A 214 22.99 39.19 -1.29
C ASN A 214 23.59 39.17 0.11
N GLY A 215 24.51 38.26 0.40
CA GLY A 215 25.13 38.20 1.71
C GLY A 215 24.42 37.34 2.73
N ALA A 216 23.26 36.76 2.40
CA ALA A 216 22.55 35.91 3.33
C ALA A 216 22.94 34.45 3.13
N LEU A 217 22.81 33.66 4.19
CA LEU A 217 22.93 32.21 4.07
C LEU A 217 21.79 31.62 3.24
N VAL A 218 22.11 30.65 2.40
CA VAL A 218 21.14 29.98 1.55
C VAL A 218 20.35 28.99 2.39
N PRO A 219 19.02 29.12 2.52
CA PRO A 219 18.26 28.07 3.22
C PRO A 219 18.24 26.82 2.37
N ILE A 220 18.44 25.67 3.02
CA ILE A 220 18.27 24.42 2.30
C ILE A 220 17.28 23.52 3.02
N ILE A 221 16.57 22.73 2.24
CA ILE A 221 15.72 21.66 2.78
C ILE A 221 16.54 20.38 2.77
N PHE A 222 16.74 19.80 3.94
CA PHE A 222 17.54 18.59 4.09
C PHE A 222 16.59 17.41 4.30
N ARG A 223 16.70 16.41 3.39
CA ARG A 223 15.78 15.26 3.32
C ARG A 223 16.57 13.97 3.47
N PRO A 224 16.98 13.60 4.69
CA PRO A 224 17.88 12.45 4.88
C PRO A 224 17.10 11.15 5.05
N PHE A 225 17.81 10.04 4.79
CA PHE A 225 17.28 8.69 5.11
C PHE A 225 15.91 8.49 4.49
N HIS A 226 15.82 8.86 3.21
CA HIS A 226 14.55 8.81 2.50
C HIS A 226 14.23 7.39 2.01
N GLU A 227 12.96 7.19 1.67
CA GLU A 227 12.52 5.90 1.11
C GLU A 227 12.84 4.76 2.04
N PHE A 228 12.75 5.01 3.35
CA PHE A 228 13.11 4.06 4.39
C PHE A 228 12.08 2.94 4.55
N ASP A 229 10.94 3.02 3.84
CA ASP A 229 9.96 1.94 3.83
C ASP A 229 10.29 0.87 2.81
N GLY A 230 11.20 1.15 1.88
CA GLY A 230 11.74 0.13 1.00
C GLY A 230 12.97 -0.53 1.62
N ASP A 231 13.49 -1.52 0.90
CA ASP A 231 14.64 -2.30 1.35
C ASP A 231 15.90 -2.04 0.52
N TRP A 232 15.92 -1.00 -0.30
CA TRP A 232 17.05 -0.80 -1.20
C TRP A 232 18.16 0.04 -0.58
N PHE A 233 17.90 0.75 0.51
CA PHE A 233 18.92 1.48 1.27
C PHE A 233 19.10 0.82 2.63
N TRP A 234 20.29 1.01 3.23
CA TRP A 234 20.61 0.35 4.50
C TRP A 234 19.88 0.97 5.69
N TRP A 235 19.27 2.14 5.53
CA TRP A 235 18.38 2.68 6.54
C TRP A 235 16.94 2.19 6.37
N GLY A 236 16.73 1.20 5.50
CA GLY A 236 15.40 0.67 5.24
C GLY A 236 14.85 -0.22 6.36
N GLN A 237 13.56 -0.50 6.24
CA GLN A 237 12.80 -1.01 7.38
C GLN A 237 13.18 -2.42 7.78
N SER A 238 13.74 -3.22 6.87
CA SER A 238 14.14 -4.59 7.21
C SER A 238 15.41 -4.62 8.04
N PHE A 239 16.13 -3.50 8.11
CA PHE A 239 17.46 -3.47 8.69
C PHE A 239 17.52 -2.75 10.02
N CYS A 240 16.41 -2.14 10.46
CA CYS A 240 16.41 -1.44 11.74
C CYS A 240 15.00 -1.41 12.28
N THR A 241 14.89 -1.28 13.61
CA THR A 241 13.58 -1.12 14.22
C THR A 241 13.05 0.31 14.04
N ILE A 242 11.75 0.46 14.28
CA ILE A 242 11.12 1.77 14.32
C ILE A 242 11.86 2.69 15.29
N GLU A 243 12.14 2.18 16.48
CA GLU A 243 12.80 2.99 17.50
C GLU A 243 14.20 3.42 17.04
N GLU A 244 14.92 2.53 16.36
CA GLU A 244 16.24 2.90 15.88
C GLU A 244 16.17 3.98 14.80
N TYR A 245 15.23 3.86 13.86
CA TYR A 245 15.12 4.89 12.82
C TYR A 245 14.78 6.24 13.45
N ILE A 246 13.84 6.24 14.39
CA ILE A 246 13.43 7.49 15.03
C ILE A 246 14.57 8.07 15.85
N GLN A 247 15.32 7.21 16.56
CA GLN A 247 16.47 7.68 17.32
C GLN A 247 17.50 8.31 16.40
N LEU A 248 17.75 7.70 15.24
CA LEU A 248 18.69 8.28 14.28
C LEU A 248 18.22 9.65 13.82
N TRP A 249 16.93 9.77 13.49
CA TRP A 249 16.40 11.06 13.03
C TRP A 249 16.53 12.13 14.11
N GLN A 250 16.14 11.80 15.35
CA GLN A 250 16.16 12.81 16.40
C GLN A 250 17.59 13.21 16.74
N PHE A 251 18.49 12.23 16.82
CA PHE A 251 19.89 12.57 17.04
C PHE A 251 20.41 13.48 15.94
N THR A 252 20.05 13.20 14.69
CA THR A 252 20.59 13.95 13.57
C THR A 252 20.09 15.38 13.58
N VAL A 253 18.78 15.57 13.77
CA VAL A 253 18.26 16.94 13.82
C VAL A 253 18.91 17.73 14.94
N THR A 254 18.96 17.15 16.14
CA THR A 254 19.49 17.87 17.29
C THR A 254 20.97 18.17 17.12
N TYR A 255 21.73 17.23 16.56
CA TYR A 255 23.16 17.48 16.40
C TYR A 255 23.41 18.61 15.42
N LEU A 256 22.67 18.63 14.30
CA LEU A 256 22.84 19.70 13.33
C LEU A 256 22.34 21.04 13.85
N LYS A 257 21.14 21.06 14.43
CA LYS A 257 20.53 22.33 14.86
C LYS A 257 21.19 22.88 16.12
N ASN A 258 21.43 22.03 17.11
CA ASN A 258 21.89 22.49 18.41
C ASN A 258 23.42 22.41 18.54
N THR A 259 24.00 21.22 18.43
CA THR A 259 25.45 21.11 18.61
C THR A 259 26.23 21.91 17.57
N LEU A 260 25.80 21.84 16.29
CA LEU A 260 26.54 22.48 15.21
C LEU A 260 25.93 23.81 14.77
N SER A 261 24.89 24.27 15.44
CA SER A 261 24.25 25.57 15.20
C SER A 261 23.95 25.84 13.72
N VAL A 262 23.40 24.84 13.04
CA VAL A 262 23.00 25.03 11.65
C VAL A 262 21.63 25.71 11.65
N ASN A 263 21.57 26.96 11.22
CA ASN A 263 20.36 27.73 11.29
C ASN A 263 19.71 27.97 9.93
N ASN A 264 20.27 27.42 8.85
CA ASN A 264 19.70 27.63 7.52
C ASN A 264 19.21 26.31 6.91
N MET A 265 18.50 25.51 7.71
CA MET A 265 18.01 24.19 7.30
C MET A 265 16.56 23.99 7.73
N LEU A 266 15.75 23.52 6.80
CA LEU A 266 14.45 22.91 7.09
C LEU A 266 14.64 21.41 6.91
N PHE A 267 13.82 20.61 7.60
CA PHE A 267 13.97 19.16 7.62
C PHE A 267 12.76 18.48 6.99
N ALA A 268 13.03 17.57 6.03
CA ALA A 268 12.01 16.90 5.25
C ALA A 268 12.06 15.39 5.48
N PHE A 269 10.90 14.81 5.79
CA PHE A 269 10.71 13.38 6.04
C PHE A 269 10.00 12.81 4.83
N SER A 270 10.52 11.73 4.24
CA SER A 270 9.89 11.20 3.03
C SER A 270 10.07 9.71 2.85
N PRO A 271 9.03 8.92 3.12
CA PRO A 271 9.02 7.52 2.69
C PRO A 271 8.85 7.48 1.17
N ASP A 272 8.90 6.27 0.62
CA ASP A 272 8.46 6.02 -0.75
C ASP A 272 6.94 5.93 -0.69
N ASN A 273 6.32 5.02 -1.44
CA ASN A 273 4.87 5.04 -1.61
C ASN A 273 4.16 3.86 -0.94
N ARG A 274 4.81 3.22 0.04
CA ARG A 274 4.35 1.96 0.59
C ARG A 274 3.50 2.18 1.84
N PHE A 275 2.45 2.97 1.67
CA PHE A 275 1.48 3.20 2.72
C PHE A 275 0.13 3.53 2.08
N PHE A 276 -0.92 3.23 2.84
CA PHE A 276 -2.29 3.52 2.41
C PHE A 276 -3.09 4.24 3.49
N SER A 277 -2.45 4.61 4.60
CA SER A 277 -3.16 5.21 5.71
C SER A 277 -2.25 6.18 6.46
N GLU A 278 -2.89 7.07 7.24
CA GLU A 278 -2.11 7.97 8.09
C GLU A 278 -1.25 7.21 9.07
N SER A 279 -1.82 6.16 9.71
CA SER A 279 -1.03 5.39 10.66
C SER A 279 0.21 4.78 10.01
N GLU A 280 0.08 4.30 8.76
CA GLU A 280 1.25 3.70 8.14
C GLU A 280 2.25 4.75 7.72
N TYR A 281 1.79 5.90 7.23
CA TYR A 281 2.70 7.00 6.92
C TYR A 281 3.50 7.41 8.16
N LEU A 282 2.85 7.41 9.32
CA LEU A 282 3.45 7.89 10.56
C LEU A 282 4.22 6.81 11.33
N ALA A 283 4.28 5.59 10.81
CA ALA A 283 4.92 4.49 11.54
C ALA A 283 6.32 4.84 12.07
N ARG A 284 7.17 5.40 11.20
CA ARG A 284 8.54 5.76 11.61
C ARG A 284 8.75 7.26 11.68
N TYR A 285 7.67 8.03 11.80
CA TYR A 285 7.76 9.49 11.89
C TYR A 285 8.35 9.88 13.23
N PRO A 286 9.38 10.75 13.24
CA PRO A 286 10.07 11.05 14.49
C PRO A 286 9.43 12.13 15.34
N GLY A 287 8.33 12.73 14.91
CA GLY A 287 7.70 13.70 15.76
C GLY A 287 7.62 15.07 15.15
N ASP A 288 6.58 15.83 15.54
CA ASP A 288 6.37 17.16 14.99
C ASP A 288 7.51 18.12 15.34
N ASP A 289 8.22 17.88 16.45
CA ASP A 289 9.38 18.71 16.80
C ASP A 289 10.59 18.48 15.91
N PHE A 290 10.52 17.53 14.98
CA PHE A 290 11.69 17.12 14.22
C PHE A 290 11.51 17.20 12.71
N VAL A 291 10.32 17.58 12.22
CA VAL A 291 10.03 17.55 10.80
C VAL A 291 9.34 18.86 10.42
N ASP A 292 9.81 19.49 9.33
CA ASP A 292 9.17 20.68 8.76
C ASP A 292 8.33 20.35 7.53
N ILE A 293 8.84 19.46 6.67
CA ILE A 293 8.21 19.09 5.41
C ILE A 293 7.84 17.61 5.47
N MET A 294 6.57 17.31 5.25
CA MET A 294 6.09 15.94 5.15
C MET A 294 6.05 15.61 3.67
N GLY A 295 6.91 14.70 3.24
CA GLY A 295 7.00 14.33 1.85
C GLY A 295 6.71 12.85 1.61
N MET A 296 6.70 12.51 0.33
CA MET A 296 6.75 11.11 -0.11
C MET A 296 7.36 11.11 -1.51
N ASP A 297 8.00 10.00 -1.84
CA ASP A 297 8.47 9.73 -3.20
C ASP A 297 7.51 8.76 -3.87
N ASN A 298 7.22 9.00 -5.15
CA ASN A 298 6.33 8.08 -5.85
C ASN A 298 6.67 8.00 -7.33
N TYR A 299 7.34 6.92 -7.71
CA TYR A 299 7.44 6.53 -9.12
C TYR A 299 6.53 5.35 -9.43
N GLY A 300 6.34 4.44 -8.49
CA GLY A 300 5.66 3.19 -8.80
C GLY A 300 4.22 3.35 -9.26
N ASP A 301 3.48 4.30 -8.66
CA ASP A 301 2.08 4.44 -9.05
C ASP A 301 1.93 5.10 -10.42
N PHE A 302 3.01 5.64 -10.96
CA PHE A 302 3.04 6.26 -12.27
C PHE A 302 3.66 5.38 -13.34
N ASN A 303 4.15 4.18 -12.98
CA ASN A 303 4.93 3.39 -13.93
C ASN A 303 4.00 2.49 -14.75
N ASN A 304 3.35 3.12 -15.74
CA ASN A 304 2.41 2.42 -16.62
C ASN A 304 1.35 1.66 -15.83
N GLN A 305 0.77 2.32 -14.82
CA GLN A 305 -0.24 1.71 -13.98
C GLN A 305 -1.64 2.26 -14.25
N GLY A 306 -1.81 3.09 -15.28
CA GLY A 306 -3.15 3.49 -15.64
C GLY A 306 -3.78 4.42 -14.62
N GLN A 307 -5.09 4.62 -14.79
CA GLN A 307 -5.82 5.51 -13.88
C GLN A 307 -5.88 4.93 -12.48
N ALA A 308 -5.84 3.60 -12.33
CA ALA A 308 -5.75 3.04 -10.99
C ALA A 308 -4.52 3.55 -10.25
N GLY A 309 -3.37 3.55 -10.92
CA GLY A 309 -2.16 4.07 -10.29
C GLY A 309 -2.24 5.55 -9.99
N VAL A 310 -2.84 6.31 -10.90
CA VAL A 310 -3.05 7.74 -10.64
C VAL A 310 -3.89 7.93 -9.38
N GLU A 311 -4.96 7.13 -9.22
CA GLU A 311 -5.81 7.23 -8.03
C GLU A 311 -5.02 6.89 -6.76
N ARG A 312 -4.27 5.79 -6.77
CA ARG A 312 -3.41 5.49 -5.62
C ARG A 312 -2.49 6.66 -5.30
N ALA A 313 -1.84 7.23 -6.32
CA ALA A 313 -0.92 8.33 -6.06
C ALA A 313 -1.64 9.52 -5.42
N ASN A 314 -2.83 9.85 -5.91
CA ASN A 314 -3.57 10.95 -5.31
C ASN A 314 -4.01 10.64 -3.88
N GLN A 315 -4.47 9.43 -3.63
CA GLN A 315 -4.90 9.05 -2.28
C GLN A 315 -3.74 9.14 -1.29
N LYS A 316 -2.55 8.67 -1.70
CA LYS A 316 -1.43 8.72 -0.78
C LYS A 316 -0.99 10.16 -0.56
N LEU A 317 -0.95 10.98 -1.63
CA LEU A 317 -0.56 12.38 -1.44
C LEU A 317 -1.57 13.12 -0.59
N LYS A 318 -2.87 12.74 -0.66
CA LYS A 318 -3.90 13.40 0.15
C LYS A 318 -3.67 13.11 1.63
N ILE A 319 -3.22 11.89 1.94
CA ILE A 319 -2.86 11.58 3.32
C ILE A 319 -1.78 12.53 3.80
N VAL A 320 -0.69 12.65 3.03
CA VAL A 320 0.39 13.57 3.39
C VAL A 320 -0.16 14.98 3.53
N SER A 321 -0.95 15.42 2.54
CA SER A 321 -1.47 16.78 2.56
C SER A 321 -2.38 17.01 3.77
N ASP A 322 -3.21 16.03 4.12
CA ASP A 322 -4.08 16.18 5.29
C ASP A 322 -3.26 16.29 6.57
N LEU A 323 -2.21 15.46 6.71
CA LEU A 323 -1.40 15.53 7.92
C LEU A 323 -0.64 16.86 8.00
N ALA A 324 -0.14 17.35 6.86
CA ALA A 324 0.52 18.64 6.86
C ALA A 324 -0.43 19.77 7.25
N GLU A 325 -1.68 19.71 6.81
CA GLU A 325 -2.65 20.72 7.25
C GLU A 325 -2.88 20.62 8.76
N GLU A 326 -3.02 19.41 9.28
CA GLU A 326 -3.32 19.25 10.70
C GLU A 326 -2.14 19.67 11.59
N ARG A 327 -0.91 19.39 11.15
CA ARG A 327 0.28 19.58 11.99
C ARG A 327 1.05 20.85 11.63
N VAL A 328 0.51 21.68 10.76
CA VAL A 328 1.16 22.91 10.30
C VAL A 328 2.54 22.62 9.73
N LYS A 329 2.59 21.68 8.79
CA LYS A 329 3.79 21.31 8.04
C LYS A 329 3.57 21.71 6.58
N ILE A 330 4.63 21.57 5.77
CA ILE A 330 4.53 21.72 4.32
C ILE A 330 4.51 20.32 3.72
N ALA A 331 3.50 20.03 2.88
CA ALA A 331 3.49 18.73 2.20
C ALA A 331 4.21 18.80 0.85
N SER A 332 4.70 17.65 0.38
CA SER A 332 5.42 17.64 -0.90
C SER A 332 5.47 16.25 -1.48
N LEU A 333 5.40 16.16 -2.82
CA LEU A 333 5.82 14.95 -3.52
C LEU A 333 7.30 15.18 -3.85
N THR A 334 8.17 14.67 -2.98
CA THR A 334 9.59 15.03 -3.02
C THR A 334 10.38 14.39 -4.17
N GLU A 335 9.91 13.31 -4.78
CA GLU A 335 10.51 12.74 -5.98
C GLU A 335 9.38 12.13 -6.76
N THR A 336 9.40 12.33 -8.09
CA THR A 336 8.47 11.64 -8.97
C THR A 336 9.03 11.66 -10.38
N GLY A 337 8.29 11.02 -11.28
CA GLY A 337 8.70 10.97 -12.67
C GLY A 337 8.33 9.64 -13.29
N TYR A 338 8.31 9.63 -14.61
CA TYR A 338 8.21 8.41 -15.41
C TYR A 338 9.42 8.43 -16.35
N PHE A 339 10.35 7.51 -16.15
CA PHE A 339 11.60 7.52 -16.91
C PHE A 339 11.40 6.91 -18.29
N VAL A 340 11.83 7.65 -19.32
CA VAL A 340 11.72 7.23 -20.72
C VAL A 340 13.12 7.00 -21.27
N THR A 341 13.34 5.83 -21.85
CA THR A 341 14.55 5.51 -22.62
C THR A 341 14.04 4.99 -23.96
N LEU A 342 14.23 5.79 -25.02
CA LEU A 342 13.48 5.53 -26.26
C LEU A 342 13.83 4.20 -26.91
N SER A 343 15.03 3.67 -26.66
CA SER A 343 15.39 2.34 -27.16
C SER A 343 14.70 1.21 -26.40
N GLU A 344 14.05 1.52 -25.28
CA GLU A 344 13.45 0.53 -24.40
C GLU A 344 11.96 0.75 -24.20
N ASN A 345 11.55 1.96 -23.83
CA ASN A 345 10.14 2.28 -23.63
C ASN A 345 9.83 3.64 -24.24
N GLY A 346 8.53 3.93 -24.37
CA GLY A 346 8.05 5.19 -24.89
C GLY A 346 7.34 5.99 -23.82
N ALA A 347 7.00 7.22 -24.19
CA ALA A 347 6.26 8.10 -23.29
C ALA A 347 4.83 7.57 -23.06
N ILE A 348 4.27 7.89 -21.90
CA ILE A 348 2.88 7.59 -21.59
C ILE A 348 2.02 8.74 -22.10
N PRO A 349 1.09 8.52 -23.01
CA PRO A 349 0.28 9.64 -23.52
C PRO A 349 -0.43 10.40 -22.41
N GLY A 350 -0.28 11.74 -22.42
CA GLY A 350 -0.91 12.55 -21.41
C GLY A 350 -0.37 12.37 -20.02
N PHE A 351 0.82 11.79 -19.86
CA PHE A 351 1.37 11.56 -18.52
C PHE A 351 1.32 12.82 -17.65
N PHE A 352 1.89 13.93 -18.13
CA PHE A 352 2.04 15.07 -17.24
C PHE A 352 0.70 15.75 -16.97
N THR A 353 -0.10 15.94 -18.02
CA THR A 353 -1.31 16.71 -17.87
C THR A 353 -2.44 15.89 -17.23
N ASN A 354 -2.56 14.61 -17.60
CA ASN A 354 -3.71 13.81 -17.18
C ASN A 354 -3.42 12.89 -16.00
N ASN A 355 -2.15 12.57 -15.77
CA ASN A 355 -1.79 11.62 -14.72
C ASN A 355 -1.14 12.36 -13.55
N LEU A 356 0.07 12.90 -13.75
CA LEU A 356 0.76 13.57 -12.66
C LEU A 356 -0.05 14.78 -12.16
N PHE A 357 -0.50 15.65 -13.08
CA PHE A 357 -1.19 16.85 -12.63
C PHE A 357 -2.43 16.50 -11.82
N GLU A 358 -3.18 15.51 -12.27
CA GLU A 358 -4.37 15.09 -11.55
C GLU A 358 -4.03 14.57 -10.16
N ALA A 359 -2.97 13.75 -10.05
CA ALA A 359 -2.61 13.28 -8.71
C ALA A 359 -2.20 14.42 -7.80
N LEU A 360 -1.56 15.47 -8.36
CA LEU A 360 -1.08 16.60 -7.55
C LEU A 360 -2.18 17.56 -7.14
N THR A 361 -3.37 17.48 -7.73
CA THR A 361 -4.36 18.51 -7.49
C THR A 361 -5.74 17.98 -7.09
N HIS A 362 -6.12 16.78 -7.52
CA HIS A 362 -7.50 16.33 -7.29
C HIS A 362 -7.77 16.25 -5.79
N ASN A 363 -9.03 16.50 -5.42
CA ASN A 363 -9.45 16.36 -4.03
C ASN A 363 -8.70 17.32 -3.11
N ASP A 364 -8.39 18.51 -3.61
CA ASP A 364 -7.84 19.58 -2.77
C ASP A 364 -6.52 19.21 -2.08
N VAL A 365 -5.67 18.44 -2.75
CA VAL A 365 -4.29 18.26 -2.29
C VAL A 365 -3.59 19.61 -2.22
N LYS A 366 -2.83 19.84 -1.15
CA LYS A 366 -2.04 21.06 -0.96
C LYS A 366 -0.58 20.66 -0.75
N ILE A 367 0.29 20.99 -1.72
CA ILE A 367 1.71 20.67 -1.60
C ILE A 367 2.51 21.92 -1.96
N GLY A 368 3.68 22.07 -1.32
CA GLY A 368 4.51 23.22 -1.62
C GLY A 368 5.34 23.03 -2.87
N PHE A 369 5.73 21.79 -3.17
CA PHE A 369 6.60 21.55 -4.30
C PHE A 369 6.58 20.10 -4.70
N THR A 370 6.96 19.85 -5.95
CA THR A 370 7.30 18.51 -6.40
C THR A 370 8.59 18.58 -7.18
N MET A 371 9.30 17.47 -7.25
CA MET A 371 10.59 17.42 -7.93
C MET A 371 10.75 16.16 -8.75
N PHE A 372 11.17 16.33 -10.00
CA PHE A 372 11.56 15.24 -10.87
C PHE A 372 12.99 14.81 -10.57
N TRP A 373 13.26 13.51 -10.77
CA TRP A 373 14.66 13.08 -10.73
C TRP A 373 15.41 13.63 -11.94
N TYR A 374 16.71 13.38 -12.00
CA TYR A 374 17.51 13.98 -13.06
C TYR A 374 17.28 13.31 -14.41
N ASN A 375 17.59 14.06 -15.46
CA ASN A 375 17.79 13.49 -16.80
C ASN A 375 19.25 13.12 -16.96
N TYR A 376 19.53 12.01 -17.65
CA TYR A 376 20.90 11.53 -17.71
C TYR A 376 21.08 10.62 -18.91
N GLN A 377 22.07 10.94 -19.75
CA GLN A 377 22.36 10.15 -20.95
C GLN A 377 21.10 9.96 -21.78
N ASP A 378 20.68 8.71 -22.07
CA ASP A 378 19.52 8.49 -22.93
C ASP A 378 18.21 8.34 -22.17
N THR A 379 18.18 8.69 -20.88
CA THR A 379 17.01 8.49 -20.05
C THR A 379 16.54 9.83 -19.54
N TYR A 380 15.27 10.12 -19.71
CA TYR A 380 14.76 11.43 -19.30
C TYR A 380 13.44 11.25 -18.59
N CYS A 381 13.21 12.11 -17.60
CA CYS A 381 11.88 12.22 -17.05
C CYS A 381 11.27 13.59 -17.22
N THR A 382 12.03 14.56 -17.76
CA THR A 382 11.39 15.75 -18.31
C THR A 382 11.92 15.91 -19.74
N PRO A 383 11.05 16.28 -20.69
CA PRO A 383 11.46 16.26 -22.10
C PRO A 383 12.19 17.55 -22.49
N VAL A 384 12.87 17.45 -23.63
CA VAL A 384 13.40 18.64 -24.31
C VAL A 384 12.71 18.67 -25.67
N PRO A 385 12.83 19.77 -26.40
CA PRO A 385 12.05 19.86 -27.63
C PRO A 385 12.36 18.76 -28.65
N GLY A 386 11.30 18.26 -29.25
CA GLY A 386 11.38 17.20 -30.22
C GLY A 386 11.24 15.81 -29.62
N LEU A 387 11.23 15.68 -28.30
CA LEU A 387 11.07 14.37 -27.70
C LEU A 387 9.63 14.10 -27.44
N PRO A 388 9.25 12.82 -27.43
CA PRO A 388 7.89 12.47 -27.08
C PRO A 388 7.69 12.92 -25.61
N SER A 389 6.51 13.48 -25.38
CA SER A 389 5.95 14.12 -24.18
C SER A 389 6.22 15.63 -24.09
N ALA A 390 6.91 16.21 -25.07
CA ALA A 390 7.19 17.63 -24.98
C ALA A 390 5.94 18.50 -24.92
N ASN A 391 4.97 18.27 -25.80
CA ASN A 391 3.77 19.07 -25.78
C ASN A 391 2.95 18.88 -24.51
N ASP A 392 2.89 17.64 -24.06
CA ASP A 392 2.18 17.29 -22.84
C ASP A 392 2.83 18.03 -21.65
N PHE A 393 4.14 18.07 -21.62
CA PHE A 393 4.84 18.79 -20.56
C PHE A 393 4.54 20.28 -20.62
N MET A 394 4.48 20.84 -21.82
CA MET A 394 4.16 22.25 -21.96
C MET A 394 2.78 22.57 -21.44
N GLU A 395 1.83 21.70 -21.74
CA GLU A 395 0.50 21.88 -21.25
C GLU A 395 0.47 21.83 -19.73
N PHE A 396 1.21 20.89 -19.16
CA PHE A 396 1.30 20.77 -17.71
C PHE A 396 1.88 22.03 -17.08
N VAL A 397 3.02 22.51 -17.57
CA VAL A 397 3.67 23.65 -16.92
C VAL A 397 2.92 24.96 -17.16
N SER A 398 2.01 24.97 -18.13
CA SER A 398 1.17 26.12 -18.36
C SER A 398 -0.04 26.18 -17.42
N LYS A 399 -0.30 25.14 -16.63
CA LYS A 399 -1.41 25.18 -15.69
C LYS A 399 -1.15 26.25 -14.65
N PRO A 400 -2.19 26.97 -14.20
CA PRO A 400 -1.93 28.07 -13.26
C PRO A 400 -1.29 27.59 -11.96
N GLU A 401 -1.57 26.37 -11.52
CA GLU A 401 -0.98 25.86 -10.28
C GLU A 401 0.54 25.74 -10.35
N VAL A 402 1.11 25.56 -11.54
CA VAL A 402 2.54 25.22 -11.65
C VAL A 402 3.39 26.48 -11.57
N ILE A 403 4.41 26.45 -10.70
CA ILE A 403 5.36 27.57 -10.54
C ILE A 403 6.74 27.10 -10.97
N LEU A 404 7.29 27.72 -12.03
CA LEU A 404 8.69 27.58 -12.45
C LEU A 404 9.45 28.84 -12.03
N ALA A 405 10.73 28.94 -12.43
CA ALA A 405 11.53 30.09 -12.01
C ALA A 405 10.87 31.41 -12.40
N ASP A 406 10.32 31.50 -13.61
CA ASP A 406 9.83 32.79 -14.07
C ASP A 406 8.69 33.31 -13.20
N ASP A 407 7.87 32.42 -12.62
CA ASP A 407 6.77 32.89 -11.80
C ASP A 407 6.98 32.66 -10.31
N LEU A 408 8.22 32.47 -9.86
CA LEU A 408 8.45 32.30 -8.44
C LEU A 408 8.08 33.56 -7.68
N PRO A 409 7.39 33.44 -6.54
CA PRO A 409 7.34 34.54 -5.56
C PRO A 409 8.73 34.84 -5.03
N GLU A 410 8.84 35.91 -4.27
CA GLU A 410 10.04 36.18 -3.46
C GLU A 410 9.95 35.27 -2.23
N MET A 411 10.59 34.11 -2.32
CA MET A 411 10.41 33.10 -1.29
C MET A 411 11.16 33.41 -0.02
N TYR A 412 12.13 34.32 -0.07
CA TYR A 412 13.03 34.52 1.04
C TYR A 412 12.75 35.84 1.77
N ARG A 413 11.62 36.47 1.47
CA ARG A 413 11.18 37.68 2.12
C ARG A 413 9.89 37.36 2.87
N LEU A 414 9.84 37.69 4.14
CA LEU A 414 8.62 37.49 4.90
C LEU A 414 7.74 38.70 4.71
N PRO A 415 6.46 38.54 4.37
CA PRO A 415 5.59 39.70 4.24
C PRO A 415 5.22 40.22 5.61
N PRO A 416 4.79 41.46 5.71
CA PRO A 416 4.32 41.98 6.99
C PRO A 416 2.98 41.35 7.38
N ASN A 417 2.62 41.51 8.65
CA ASN A 417 1.34 41.04 9.14
C ASN A 417 0.21 41.83 8.51
N GLY B 44 5.19 -32.50 3.47
CA GLY B 44 4.64 -31.46 4.33
C GLY B 44 4.61 -31.86 5.79
N GLU B 45 5.14 -31.00 6.65
CA GLU B 45 5.20 -31.26 8.09
C GLU B 45 4.90 -29.97 8.83
N LEU B 46 4.31 -30.12 10.03
CA LEU B 46 4.01 -28.99 10.90
C LEU B 46 4.78 -29.12 12.20
N ASP B 47 4.86 -28.00 12.92
CA ASP B 47 5.48 -27.96 14.22
C ASP B 47 4.56 -28.44 15.34
N PHE B 48 3.32 -28.83 15.01
CA PHE B 48 2.44 -29.39 16.02
C PHE B 48 1.78 -30.65 15.50
N GLU B 49 1.37 -31.53 16.43
CA GLU B 49 0.73 -32.81 16.16
C GLU B 49 -0.76 -32.63 16.01
N PRO B 50 -1.42 -33.44 15.17
CA PRO B 50 -2.87 -33.27 15.01
C PRO B 50 -3.64 -33.25 16.32
N GLU B 51 -3.20 -34.01 17.34
CA GLU B 51 -3.92 -34.00 18.61
C GLU B 51 -3.88 -32.65 19.30
N GLU B 52 -2.98 -31.75 18.91
CA GLU B 52 -2.88 -30.44 19.52
C GLU B 52 -3.76 -29.39 18.83
N THR B 53 -4.44 -29.75 17.75
CA THR B 53 -5.07 -28.74 16.89
C THR B 53 -6.03 -27.83 17.66
N ARG B 54 -6.84 -28.40 18.56
CA ARG B 54 -7.84 -27.59 19.24
C ARG B 54 -7.22 -26.43 20.00
N SER B 55 -5.97 -26.59 20.45
CA SER B 55 -5.25 -25.56 21.18
C SER B 55 -4.96 -24.33 20.35
N PHE B 56 -5.08 -24.43 19.03
CA PHE B 56 -4.75 -23.34 18.11
C PHE B 56 -5.97 -22.76 17.42
N MET B 57 -7.18 -23.16 17.85
CA MET B 57 -8.41 -22.75 17.19
C MET B 57 -9.20 -21.74 18.03
N VAL B 58 -9.95 -20.87 17.34
CA VAL B 58 -10.83 -19.93 18.02
C VAL B 58 -11.80 -20.68 18.92
N ASN B 59 -12.32 -21.81 18.42
CA ASN B 59 -13.29 -22.61 19.15
C ASN B 59 -12.70 -23.98 19.47
N PRO B 60 -12.09 -24.16 20.64
CA PRO B 60 -11.55 -25.48 20.99
C PRO B 60 -12.64 -26.52 21.21
N ASP B 61 -13.91 -26.13 21.22
CA ASP B 61 -15.04 -27.07 21.31
C ASP B 61 -15.68 -27.35 19.96
N ALA B 62 -14.98 -27.05 18.88
CA ALA B 62 -15.52 -27.26 17.53
C ALA B 62 -15.74 -28.76 17.27
N THR B 63 -16.58 -29.06 16.27
CA THR B 63 -16.85 -30.45 15.93
C THR B 63 -15.56 -31.09 15.40
N GLU B 64 -15.51 -32.44 15.48
CA GLU B 64 -14.32 -33.17 15.04
C GLU B 64 -13.97 -32.85 13.59
N GLU B 65 -14.99 -32.70 12.72
CA GLU B 65 -14.71 -32.40 11.32
C GLU B 65 -14.19 -30.98 11.13
N THR B 66 -14.58 -30.05 12.01
CA THR B 66 -14.11 -28.67 11.92
C THR B 66 -12.66 -28.57 12.39
N VAL B 67 -12.32 -29.31 13.43
CA VAL B 67 -10.91 -29.43 13.86
C VAL B 67 -10.07 -30.02 12.72
N ALA B 68 -10.56 -31.12 12.13
CA ALA B 68 -9.81 -31.72 11.02
C ALA B 68 -9.62 -30.75 9.88
N LEU B 69 -10.66 -29.97 9.53
CA LEU B 69 -10.53 -28.99 8.45
C LEU B 69 -9.39 -28.01 8.75
N PHE B 70 -9.34 -27.51 9.98
CA PHE B 70 -8.27 -26.56 10.33
C PHE B 70 -6.89 -27.24 10.19
N TYR B 71 -6.73 -28.42 10.80
CA TYR B 71 -5.45 -29.12 10.70
C TYR B 71 -5.04 -29.35 9.25
N ASN B 72 -5.96 -29.88 8.44
CA ASN B 72 -5.62 -30.27 7.08
C ASN B 72 -5.36 -29.07 6.16
N LEU B 73 -6.08 -27.96 6.33
CA LEU B 73 -5.72 -26.74 5.58
C LEU B 73 -4.33 -26.26 5.98
N LYS B 74 -4.04 -26.27 7.27
CA LYS B 74 -2.72 -25.81 7.72
C LYS B 74 -1.62 -26.71 7.17
N LEU B 75 -1.83 -28.02 7.21
CA LEU B 75 -0.83 -28.96 6.70
C LEU B 75 -0.63 -28.79 5.20
N LEU B 76 -1.74 -28.72 4.43
CA LEU B 76 -1.54 -28.67 2.99
C LEU B 76 -0.91 -27.34 2.54
N SER B 77 -1.11 -26.28 3.33
CA SER B 77 -0.54 -24.98 2.96
C SER B 77 0.99 -24.99 2.95
N GLN B 78 1.64 -26.00 3.55
CA GLN B 78 3.11 -25.98 3.53
C GLN B 78 3.66 -26.02 2.13
N ASN B 79 2.94 -26.66 1.20
CA ASN B 79 3.45 -26.72 -0.17
C ASN B 79 2.37 -26.67 -1.25
N SER B 80 1.09 -26.58 -0.91
CA SER B 80 0.02 -26.69 -1.88
C SER B 80 -1.06 -25.70 -1.50
N PHE B 81 -2.07 -25.59 -2.34
CA PHE B 81 -3.25 -24.80 -1.98
C PHE B 81 -4.47 -25.27 -2.76
N ILE B 82 -5.63 -25.26 -2.09
CA ILE B 82 -6.90 -25.53 -2.77
C ILE B 82 -7.32 -24.31 -3.60
N VAL B 83 -7.86 -24.57 -4.80
CA VAL B 83 -8.42 -23.53 -5.65
C VAL B 83 -9.93 -23.73 -5.72
N GLY B 84 -10.68 -22.67 -5.47
CA GLY B 84 -12.11 -22.78 -5.56
C GLY B 84 -12.74 -21.57 -6.24
N GLN B 85 -14.07 -21.53 -6.20
CA GLN B 85 -14.79 -20.44 -6.86
C GLN B 85 -16.12 -20.18 -6.18
N GLN B 86 -16.45 -18.88 -6.09
CA GLN B 86 -17.75 -18.45 -5.57
C GLN B 86 -18.89 -19.02 -6.44
N ASP B 87 -19.90 -19.59 -5.80
CA ASP B 87 -21.12 -20.02 -6.49
C ASP B 87 -20.82 -20.94 -7.67
N ALA B 88 -19.81 -21.82 -7.51
CA ALA B 88 -19.40 -22.65 -8.64
C ALA B 88 -20.51 -23.58 -9.13
N PHE B 89 -21.48 -23.95 -8.28
CA PHE B 89 -22.52 -24.88 -8.71
C PHE B 89 -23.80 -24.22 -9.17
N SER B 90 -23.88 -22.88 -9.11
CA SER B 90 -25.12 -22.19 -9.45
C SER B 90 -24.94 -20.95 -10.32
N SER B 91 -23.70 -20.48 -10.55
CA SER B 91 -23.47 -19.31 -11.38
C SER B 91 -22.45 -19.68 -12.45
N PHE B 92 -22.81 -19.45 -13.71
CA PHE B 92 -22.04 -19.97 -14.82
C PHE B 92 -21.93 -18.90 -15.88
N TYR B 93 -20.80 -18.91 -16.58
CA TYR B 93 -20.65 -18.04 -17.73
C TYR B 93 -21.79 -18.31 -18.71
N GLN B 94 -22.42 -17.22 -19.17
CA GLN B 94 -23.54 -17.30 -20.12
C GLN B 94 -24.72 -18.14 -19.62
N ASP B 95 -24.78 -18.35 -18.30
CA ASP B 95 -25.82 -19.16 -17.66
C ASP B 95 -25.97 -20.52 -18.32
N ASN B 96 -24.84 -21.08 -18.76
CA ASN B 96 -24.81 -22.44 -19.31
C ASN B 96 -24.70 -23.37 -18.12
N ALA B 97 -25.85 -23.74 -17.57
CA ALA B 97 -25.89 -24.48 -16.32
C ALA B 97 -25.60 -25.96 -16.58
N GLY B 98 -25.31 -26.66 -15.49
CA GLY B 98 -24.86 -28.04 -15.53
C GLY B 98 -23.66 -28.21 -14.62
N ASP B 99 -22.57 -28.75 -15.16
CA ASP B 99 -21.35 -28.87 -14.38
C ASP B 99 -20.79 -27.50 -14.08
N SER B 100 -20.07 -27.38 -12.96
CA SER B 100 -19.42 -26.12 -12.67
C SER B 100 -18.53 -25.72 -13.84
N ASP B 101 -18.31 -24.40 -14.01
CA ASP B 101 -17.42 -23.96 -15.09
C ASP B 101 -16.03 -24.57 -14.95
N ILE B 102 -15.51 -24.65 -13.72
CA ILE B 102 -14.17 -25.21 -13.53
C ILE B 102 -14.13 -26.68 -13.97
N LYS B 103 -15.23 -27.42 -13.77
CA LYS B 103 -15.26 -28.79 -14.29
C LYS B 103 -15.44 -28.82 -15.80
N LYS B 104 -16.23 -27.91 -16.37
CA LYS B 104 -16.28 -27.79 -17.82
C LYS B 104 -14.89 -27.60 -18.40
N MET B 105 -14.07 -26.80 -17.73
CA MET B 105 -12.76 -26.41 -18.23
C MET B 105 -11.72 -27.50 -17.98
N THR B 106 -11.68 -28.04 -16.76
CA THR B 106 -10.57 -28.89 -16.32
C THR B 106 -10.92 -30.36 -16.21
N GLY B 107 -12.20 -30.72 -16.21
CA GLY B 107 -12.61 -32.08 -15.91
C GLY B 107 -12.85 -32.37 -14.45
N SER B 108 -12.40 -31.48 -13.54
CA SER B 108 -12.58 -31.64 -12.11
C SER B 108 -13.40 -30.48 -11.57
N ASP B 109 -14.24 -30.76 -10.58
CA ASP B 109 -14.83 -29.67 -9.81
C ASP B 109 -13.74 -28.88 -9.08
N PRO B 110 -14.06 -27.67 -8.63
CA PRO B 110 -13.14 -26.94 -7.77
C PRO B 110 -12.96 -27.68 -6.44
N GLY B 111 -11.90 -27.31 -5.72
CA GLY B 111 -11.72 -27.91 -4.41
C GLY B 111 -12.43 -27.20 -3.30
N LEU B 112 -13.01 -26.04 -3.59
CA LEU B 112 -13.62 -25.20 -2.57
C LEU B 112 -14.79 -24.45 -3.22
N LEU B 113 -15.89 -24.32 -2.45
CA LEU B 113 -17.07 -23.60 -2.90
C LEU B 113 -17.26 -22.36 -2.03
N GLY B 114 -17.42 -21.20 -2.66
CA GLY B 114 -17.80 -19.96 -1.95
C GLY B 114 -19.30 -19.75 -2.03
N SER B 115 -19.89 -19.37 -0.89
CA SER B 115 -21.30 -18.99 -0.81
C SER B 115 -21.43 -17.68 -0.02
N ASP B 116 -22.66 -17.15 0.05
CA ASP B 116 -22.90 -15.84 0.66
C ASP B 116 -24.12 -15.93 1.58
N PHE B 117 -24.04 -15.36 2.78
CA PHE B 117 -25.21 -15.28 3.65
C PHE B 117 -26.21 -14.18 3.23
N MET B 118 -25.88 -13.35 2.23
CA MET B 118 -26.72 -12.25 1.78
C MET B 118 -28.21 -12.57 1.72
N PHE B 119 -28.60 -13.58 0.95
CA PHE B 119 -30.03 -13.84 0.78
C PHE B 119 -30.60 -14.55 2.01
N ILE B 120 -29.75 -15.26 2.75
CA ILE B 120 -30.19 -16.00 3.92
C ILE B 120 -30.61 -15.04 5.01
N THR B 121 -30.01 -13.84 5.05
CA THR B 121 -30.30 -12.89 6.10
C THR B 121 -31.19 -11.73 5.65
N ASP B 122 -31.70 -11.75 4.41
CA ASP B 122 -32.45 -10.60 3.92
C ASP B 122 -33.69 -10.38 4.79
N ASP B 123 -34.00 -9.10 5.05
CA ASP B 123 -35.25 -8.76 5.76
C ASP B 123 -36.48 -9.42 5.17
N LEU B 124 -36.50 -9.60 3.87
CA LEU B 124 -37.68 -10.16 3.20
C LEU B 124 -37.71 -11.68 3.13
N ASN B 125 -36.70 -12.39 3.67
CA ASN B 125 -36.67 -13.85 3.64
C ASN B 125 -37.56 -14.35 4.77
N ASP B 126 -38.77 -14.79 4.43
CA ASP B 126 -39.74 -15.25 5.42
C ASP B 126 -39.73 -16.76 5.64
N GLY B 127 -38.78 -17.48 5.02
CA GLY B 127 -38.66 -18.90 5.24
C GLY B 127 -39.65 -19.81 4.56
N THR B 128 -40.50 -19.30 3.65
CA THR B 128 -41.56 -20.12 3.08
C THR B 128 -41.36 -20.36 1.58
N PRO B 129 -41.93 -21.43 1.03
CA PRO B 129 -41.60 -21.84 -0.35
C PRO B 129 -41.92 -20.83 -1.45
N SER B 130 -42.90 -19.94 -1.27
CA SER B 130 -43.19 -18.94 -2.31
C SER B 130 -42.16 -17.82 -2.35
N ASN B 131 -41.27 -17.77 -1.37
CA ASN B 131 -40.42 -16.62 -1.15
C ASN B 131 -39.09 -16.80 -1.88
N TRP B 132 -38.77 -15.85 -2.76
CA TRP B 132 -37.60 -15.99 -3.62
C TRP B 132 -36.32 -16.08 -2.80
N PHE B 133 -36.21 -15.30 -1.73
CA PHE B 133 -35.01 -15.33 -0.88
C PHE B 133 -34.85 -16.68 -0.22
N PHE B 134 -35.97 -17.25 0.22
CA PHE B 134 -35.93 -18.58 0.79
C PHE B 134 -35.53 -19.62 -0.25
N GLN B 135 -35.99 -19.45 -1.48
CA GLN B 135 -35.60 -20.38 -2.52
C GLN B 135 -34.08 -20.31 -2.75
N GLN B 136 -33.50 -19.12 -2.71
CA GLN B 136 -32.05 -18.95 -2.85
C GLN B 136 -31.33 -19.61 -1.68
N GLU B 137 -31.88 -19.44 -0.50
CA GLU B 137 -31.29 -20.03 0.70
C GLU B 137 -31.25 -21.57 0.54
N ASN B 138 -32.33 -22.15 0.04
CA ASN B 138 -32.39 -23.58 -0.19
C ASN B 138 -31.42 -24.08 -1.23
N GLN B 139 -31.27 -23.31 -2.29
CA GLN B 139 -30.33 -23.64 -3.33
C GLN B 139 -28.90 -23.62 -2.75
N ILE B 140 -28.60 -22.62 -1.93
CA ILE B 140 -27.29 -22.53 -1.34
C ILE B 140 -27.07 -23.72 -0.42
N ARG B 141 -28.08 -24.07 0.35
CA ARG B 141 -27.94 -25.18 1.27
C ARG B 141 -27.66 -26.48 0.50
N ASP B 142 -28.37 -26.69 -0.58
CA ASP B 142 -28.15 -27.89 -1.38
C ASP B 142 -26.77 -27.94 -1.98
N ASP B 143 -26.28 -26.79 -2.44
CA ASP B 143 -24.95 -26.73 -3.05
C ASP B 143 -23.86 -26.98 -2.01
N VAL B 144 -24.00 -26.40 -0.81
CA VAL B 144 -23.05 -26.61 0.27
C VAL B 144 -23.02 -28.08 0.70
N LEU B 145 -24.18 -28.71 0.81
CA LEU B 145 -24.20 -30.11 1.21
C LEU B 145 -23.56 -30.99 0.13
N ARG B 146 -23.88 -30.72 -1.15
CA ARG B 146 -23.22 -31.39 -2.27
C ARG B 146 -21.71 -31.22 -2.19
N ALA B 147 -21.24 -29.99 -1.95
CA ALA B 147 -19.80 -29.74 -1.84
C ALA B 147 -19.21 -30.57 -0.71
N PHE B 148 -19.86 -30.56 0.47
CA PHE B 148 -19.31 -31.30 1.60
C PHE B 148 -19.28 -32.80 1.30
N ASP B 149 -20.37 -33.34 0.72
CA ASP B 149 -20.40 -34.77 0.41
C ASP B 149 -19.27 -35.17 -0.53
N MET B 150 -18.86 -34.28 -1.43
CA MET B 150 -17.72 -34.53 -2.32
C MET B 150 -16.37 -34.24 -1.68
N GLY B 151 -16.36 -33.68 -0.46
CA GLY B 151 -15.14 -33.36 0.26
C GLY B 151 -14.60 -31.98 0.05
N LEU B 152 -15.33 -31.11 -0.65
CA LEU B 152 -14.84 -29.76 -0.86
C LEU B 152 -14.90 -28.97 0.44
N VAL B 153 -14.13 -27.86 0.49
CA VAL B 153 -14.17 -26.86 1.57
C VAL B 153 -15.25 -25.84 1.23
N ASN B 154 -16.01 -25.39 2.23
CA ASN B 154 -17.03 -24.35 2.03
C ASN B 154 -16.67 -23.07 2.78
N VAL B 155 -16.72 -21.94 2.08
CA VAL B 155 -16.49 -20.62 2.68
C VAL B 155 -17.72 -19.75 2.44
N PHE B 156 -18.13 -19.00 3.45
CA PHE B 156 -19.22 -18.02 3.34
C PHE B 156 -18.72 -16.62 3.63
N CYS B 157 -19.00 -15.71 2.73
CA CYS B 157 -18.92 -14.29 3.00
C CYS B 157 -20.32 -13.78 3.31
N TRP B 158 -20.47 -12.48 3.56
CA TRP B 158 -21.76 -11.93 3.97
C TRP B 158 -21.91 -10.51 3.43
N HIS B 159 -22.59 -10.39 2.28
CA HIS B 159 -22.97 -9.07 1.79
C HIS B 159 -24.24 -8.67 2.53
N PHE B 160 -24.00 -8.12 3.73
CA PHE B 160 -25.04 -7.82 4.71
C PHE B 160 -25.61 -6.44 4.40
N ARG B 161 -26.87 -6.40 3.97
CA ARG B 161 -27.51 -5.11 3.69
C ARG B 161 -27.65 -4.32 4.99
N GLU B 162 -27.43 -3.01 4.89
CA GLU B 162 -27.33 -2.16 6.06
C GLU B 162 -28.65 -2.16 6.83
N PRO B 163 -28.59 -1.97 8.15
CA PRO B 163 -29.73 -2.33 9.01
C PRO B 163 -30.90 -1.36 9.01
N PHE B 164 -30.71 -0.08 8.65
CA PHE B 164 -31.83 0.85 8.76
C PHE B 164 -32.95 0.48 7.80
N GLU B 165 -32.63 0.26 6.54
CA GLU B 165 -33.65 -0.11 5.55
C GLU B 165 -33.48 -1.50 4.96
N GLY B 166 -32.31 -2.13 5.11
CA GLY B 166 -32.15 -3.50 4.67
C GLY B 166 -32.06 -3.70 3.17
N GLU B 167 -31.75 -2.64 2.41
CA GLU B 167 -31.76 -2.70 0.95
C GLU B 167 -30.39 -2.74 0.29
N HIS B 168 -29.37 -2.11 0.89
CA HIS B 168 -28.09 -1.98 0.19
C HIS B 168 -26.93 -2.26 1.13
N PHE B 169 -25.88 -2.90 0.58
CA PHE B 169 -24.59 -2.98 1.27
C PHE B 169 -23.52 -2.07 0.68
N TYR B 170 -23.66 -1.65 -0.58
CA TYR B 170 -22.68 -0.73 -1.16
C TYR B 170 -22.99 0.69 -0.71
N THR B 171 -21.95 1.38 -0.22
CA THR B 171 -22.14 2.72 0.34
C THR B 171 -22.59 3.72 -0.70
N SER B 172 -22.23 3.51 -1.97
CA SER B 172 -22.65 4.45 -3.00
C SER B 172 -24.16 4.44 -3.21
N GLU B 173 -24.86 3.40 -2.76
CA GLU B 173 -26.29 3.25 -2.97
C GLU B 173 -27.09 3.65 -1.74
N MET B 174 -26.44 3.99 -0.66
CA MET B 174 -27.05 4.28 0.63
C MET B 174 -27.08 5.79 0.87
N THR B 175 -27.84 6.21 1.89
CA THR B 175 -27.80 7.62 2.26
C THR B 175 -26.58 7.91 3.11
N GLN B 176 -26.25 9.21 3.22
CA GLN B 176 -25.13 9.61 4.05
C GLN B 176 -25.32 9.15 5.49
N PHE B 177 -26.52 9.34 6.04
CA PHE B 177 -26.79 8.89 7.41
C PHE B 177 -26.57 7.39 7.56
N GLN B 178 -27.05 6.60 6.62
CA GLN B 178 -26.87 5.15 6.71
C GLN B 178 -25.40 4.78 6.69
N ARG B 179 -24.65 5.38 5.78
CA ARG B 179 -23.21 5.14 5.68
C ARG B 179 -22.52 5.41 7.01
N GLU B 180 -22.85 6.51 7.65
CA GLU B 180 -22.08 6.93 8.81
C GLU B 180 -22.56 6.32 10.11
N ASN B 181 -23.69 5.61 10.09
CA ASN B 181 -24.26 5.10 11.33
C ASN B 181 -24.59 3.61 11.33
N ALA B 182 -24.53 2.94 10.18
CA ALA B 182 -24.95 1.54 10.14
C ALA B 182 -24.15 0.67 11.11
N LEU B 183 -22.81 0.74 11.04
CA LEU B 183 -22.00 -0.12 11.90
C LEU B 183 -22.18 0.27 13.36
N LYS B 184 -22.10 1.56 13.67
CA LYS B 184 -22.31 1.99 15.04
C LYS B 184 -23.63 1.46 15.59
N SER B 185 -24.67 1.42 14.75
CA SER B 185 -26.00 1.03 15.24
C SER B 185 -26.12 -0.44 15.60
N ILE B 186 -25.24 -1.31 15.09
CA ILE B 186 -25.35 -2.74 15.42
C ILE B 186 -24.46 -3.16 16.57
N LEU B 187 -23.62 -2.25 17.08
CA LEU B 187 -22.81 -2.54 18.25
C LEU B 187 -23.72 -2.63 19.47
N PRO B 188 -23.26 -3.29 20.53
CA PRO B 188 -24.01 -3.26 21.80
C PRO B 188 -24.39 -1.84 22.18
N GLY B 189 -25.64 -1.67 22.62
CA GLY B 189 -26.16 -0.35 22.91
C GLY B 189 -26.67 0.41 21.71
N GLY B 190 -26.38 -0.04 20.48
CA GLY B 190 -26.87 0.64 19.30
C GLY B 190 -28.34 0.34 19.02
N GLU B 191 -28.97 1.21 18.25
CA GLU B 191 -30.41 1.09 18.03
C GLU B 191 -30.78 -0.12 17.18
N ASN B 192 -29.84 -0.69 16.43
CA ASN B 192 -30.07 -1.89 15.63
C ASN B 192 -29.35 -3.11 16.18
N HIS B 193 -28.99 -3.10 17.46
CA HIS B 193 -28.25 -4.22 18.01
C HIS B 193 -29.11 -5.48 18.08
N ASP B 194 -30.36 -5.36 18.53
CA ASP B 194 -31.24 -6.53 18.57
C ASP B 194 -31.49 -7.07 17.18
N TYR B 195 -31.66 -6.17 16.22
CA TYR B 195 -31.82 -6.57 14.82
C TYR B 195 -30.62 -7.38 14.36
N TYR B 196 -29.42 -6.91 14.71
CA TYR B 196 -28.21 -7.64 14.32
C TYR B 196 -28.15 -9.00 14.99
N LYS B 197 -28.49 -9.08 16.28
CA LYS B 197 -28.48 -10.38 16.95
C LYS B 197 -29.40 -11.36 16.25
N GLN B 198 -30.55 -10.87 15.77
CA GLN B 198 -31.46 -11.76 15.06
C GLN B 198 -30.85 -12.26 13.74
N LYS B 199 -30.11 -11.40 13.04
CA LYS B 199 -29.43 -11.88 11.83
C LYS B 199 -28.41 -12.95 12.18
N LEU B 200 -27.66 -12.76 13.27
CA LEU B 200 -26.72 -13.79 13.68
C LEU B 200 -27.43 -15.08 14.08
N GLU B 201 -28.62 -14.96 14.72
CA GLU B 201 -29.38 -16.16 15.03
C GLU B 201 -29.77 -16.91 13.76
N LYS B 202 -30.10 -16.19 12.69
CA LYS B 202 -30.43 -16.85 11.43
C LYS B 202 -29.20 -17.53 10.82
N ILE B 203 -28.05 -16.85 10.83
CA ILE B 203 -26.82 -17.50 10.39
C ILE B 203 -26.57 -18.77 11.20
N ALA B 204 -26.76 -18.71 12.52
CA ALA B 204 -26.47 -19.89 13.34
C ALA B 204 -27.46 -21.02 13.06
N SER B 205 -28.75 -20.67 12.91
CA SER B 205 -29.76 -21.69 12.61
C SER B 205 -29.47 -22.38 11.29
N PHE B 206 -29.13 -21.62 10.28
CA PHE B 206 -28.79 -22.22 8.99
C PHE B 206 -27.56 -23.10 9.13
N THR B 207 -26.53 -22.57 9.78
CA THR B 207 -25.26 -23.29 9.89
C THR B 207 -25.41 -24.60 10.68
N LYS B 208 -26.15 -24.54 11.80
CA LYS B 208 -26.35 -25.72 12.63
C LYS B 208 -27.28 -26.73 11.97
N SER B 209 -27.90 -26.36 10.84
CA SER B 209 -28.78 -27.25 10.06
C SER B 209 -28.04 -28.04 9.00
N LEU B 210 -26.76 -27.74 8.74
CA LEU B 210 -26.05 -28.31 7.61
C LEU B 210 -25.53 -29.69 7.99
N VAL B 211 -26.28 -30.74 7.65
CA VAL B 211 -25.88 -32.11 7.97
C VAL B 211 -25.56 -32.82 6.67
N GLY B 212 -24.32 -33.36 6.55
CA GLY B 212 -23.92 -34.07 5.36
C GLY B 212 -24.57 -35.45 5.27
N SER B 213 -24.37 -36.10 4.12
CA SER B 213 -24.84 -37.47 3.96
C SER B 213 -24.22 -38.40 4.98
N ASN B 214 -23.01 -38.10 5.45
CA ASN B 214 -22.37 -38.92 6.47
C ASN B 214 -22.93 -38.66 7.87
N GLY B 215 -23.87 -37.75 8.03
CA GLY B 215 -24.44 -37.48 9.34
C GLY B 215 -23.73 -36.41 10.16
N ALA B 216 -22.62 -35.87 9.69
CA ALA B 216 -21.87 -34.85 10.42
C ALA B 216 -22.29 -33.46 10.00
N LEU B 217 -22.12 -32.52 10.93
CA LEU B 217 -22.28 -31.11 10.58
C LEU B 217 -21.20 -30.66 9.59
N VAL B 218 -21.61 -29.85 8.61
CA VAL B 218 -20.69 -29.34 7.60
C VAL B 218 -19.89 -28.21 8.22
N PRO B 219 -18.57 -28.29 8.28
CA PRO B 219 -17.79 -27.14 8.77
C PRO B 219 -17.81 -26.04 7.72
N ILE B 220 -18.01 -24.82 8.17
CA ILE B 220 -17.91 -23.71 7.24
C ILE B 220 -16.91 -22.69 7.73
N ILE B 221 -16.25 -22.05 6.77
CA ILE B 221 -15.39 -20.90 7.09
C ILE B 221 -16.23 -19.64 6.89
N PHE B 222 -16.37 -18.83 7.95
CA PHE B 222 -17.21 -17.63 7.91
C PHE B 222 -16.29 -16.42 7.86
N ARG B 223 -16.45 -15.61 6.81
CA ARG B 223 -15.57 -14.48 6.51
C ARG B 223 -16.37 -13.18 6.48
N PRO B 224 -16.74 -12.61 7.64
CA PRO B 224 -17.63 -11.46 7.68
C PRO B 224 -16.87 -10.13 7.57
N PHE B 225 -17.61 -9.11 7.16
CA PHE B 225 -17.11 -7.73 7.19
C PHE B 225 -15.77 -7.60 6.47
N HIS B 226 -15.72 -8.19 5.27
CA HIS B 226 -14.50 -8.25 4.48
C HIS B 226 -14.22 -6.92 3.76
N GLU B 227 -12.98 -6.76 3.36
CA GLU B 227 -12.58 -5.60 2.56
C GLU B 227 -12.90 -4.30 3.31
N PHE B 228 -12.70 -4.33 4.62
CA PHE B 228 -13.05 -3.23 5.50
C PHE B 228 -12.06 -2.07 5.39
N ASP B 229 -10.97 -2.25 4.65
CA ASP B 229 -10.03 -1.16 4.41
C ASP B 229 -10.46 -0.29 3.23
N GLY B 230 -11.37 -0.78 2.39
CA GLY B 230 -12.01 0.05 1.38
C GLY B 230 -13.17 0.85 1.94
N ASP B 231 -13.71 1.72 1.09
CA ASP B 231 -14.87 2.53 1.44
C ASP B 231 -16.15 2.09 0.75
N TRP B 232 -16.17 0.94 0.09
CA TRP B 232 -17.34 0.54 -0.66
C TRP B 232 -18.40 -0.16 0.18
N PHE B 233 -18.04 -0.69 1.34
CA PHE B 233 -19.01 -1.28 2.26
C PHE B 233 -19.17 -0.39 3.49
N TRP B 234 -20.33 -0.52 4.16
CA TRP B 234 -20.62 0.35 5.30
C TRP B 234 -19.85 -0.04 6.55
N TRP B 235 -19.21 -1.20 6.55
CA TRP B 235 -18.27 -1.53 7.61
C TRP B 235 -16.86 -1.07 7.28
N GLY B 236 -16.70 -0.22 6.27
CA GLY B 236 -15.40 0.23 5.85
C GLY B 236 -14.78 1.28 6.77
N GLN B 237 -13.50 1.56 6.54
CA GLN B 237 -12.75 2.29 7.55
C GLN B 237 -13.14 3.76 7.70
N SER B 238 -13.74 4.37 6.67
CA SER B 238 -14.17 5.76 6.78
C SER B 238 -15.40 5.92 7.67
N PHE B 239 -16.08 4.83 7.99
CA PHE B 239 -17.39 4.88 8.64
C PHE B 239 -17.35 4.40 10.08
N CYS B 240 -16.23 3.88 10.56
CA CYS B 240 -16.12 3.40 11.93
C CYS B 240 -14.67 3.48 12.37
N THR B 241 -14.47 3.54 13.68
CA THR B 241 -13.12 3.56 14.23
C THR B 241 -12.55 2.14 14.30
N ILE B 242 -11.23 2.07 14.47
CA ILE B 242 -10.58 0.79 14.73
C ILE B 242 -11.27 0.05 15.87
N GLU B 243 -11.52 0.76 16.97
CA GLU B 243 -12.10 0.12 18.15
C GLU B 243 -13.50 -0.40 17.85
N GLU B 244 -14.30 0.35 17.08
CA GLU B 244 -15.64 -0.10 16.73
C GLU B 244 -15.60 -1.35 15.87
N TYR B 245 -14.72 -1.40 14.88
CA TYR B 245 -14.63 -2.60 14.03
C TYR B 245 -14.25 -3.81 14.86
N ILE B 246 -13.28 -3.65 15.76
CA ILE B 246 -12.82 -4.77 16.57
C ILE B 246 -13.91 -5.22 17.54
N GLN B 247 -14.64 -4.26 18.13
CA GLN B 247 -15.75 -4.61 19.00
C GLN B 247 -16.79 -5.41 18.25
N LEU B 248 -17.13 -4.99 17.03
CA LEU B 248 -18.09 -5.74 16.23
C LEU B 248 -17.62 -7.18 16.02
N TRP B 249 -16.34 -7.34 15.65
CA TRP B 249 -15.81 -8.67 15.37
C TRP B 249 -15.86 -9.54 16.62
N GLN B 250 -15.40 -9.01 17.75
CA GLN B 250 -15.37 -9.82 18.97
C GLN B 250 -16.78 -10.16 19.44
N PHE B 251 -17.71 -9.20 19.36
CA PHE B 251 -19.10 -9.51 19.71
C PHE B 251 -19.64 -10.62 18.81
N THR B 252 -19.38 -10.52 17.51
CA THR B 252 -19.94 -11.48 16.56
C THR B 252 -19.40 -12.88 16.81
N VAL B 253 -18.09 -13.01 17.00
CA VAL B 253 -17.52 -14.32 17.26
C VAL B 253 -18.10 -14.93 18.54
N THR B 254 -18.10 -14.15 19.62
CA THR B 254 -18.56 -14.67 20.90
C THR B 254 -20.05 -15.00 20.87
N TYR B 255 -20.86 -14.18 20.18
CA TYR B 255 -22.28 -14.49 20.10
C TYR B 255 -22.53 -15.79 19.35
N LEU B 256 -21.85 -15.99 18.21
CA LEU B 256 -22.02 -17.23 17.45
C LEU B 256 -21.46 -18.44 18.21
N LYS B 257 -20.23 -18.33 18.73
CA LYS B 257 -19.56 -19.50 19.33
C LYS B 257 -20.13 -19.85 20.70
N ASN B 258 -20.34 -18.85 21.54
CA ASN B 258 -20.71 -19.09 22.94
C ASN B 258 -22.23 -19.06 23.14
N THR B 259 -22.88 -17.96 22.76
CA THR B 259 -24.31 -17.81 23.02
C THR B 259 -25.13 -18.78 22.17
N LEU B 260 -24.83 -18.87 20.88
CA LEU B 260 -25.56 -19.71 19.93
C LEU B 260 -24.90 -21.08 19.73
N SER B 261 -23.77 -21.33 20.39
CA SER B 261 -23.10 -22.65 20.38
C SER B 261 -22.91 -23.20 18.97
N VAL B 262 -22.46 -22.35 18.05
CA VAL B 262 -22.11 -22.79 16.71
C VAL B 262 -20.71 -23.41 16.79
N ASN B 263 -20.64 -24.72 16.58
CA ASN B 263 -19.39 -25.45 16.72
C ASN B 263 -18.83 -25.93 15.39
N ASN B 264 -19.48 -25.57 14.28
CA ASN B 264 -18.98 -25.99 12.98
C ASN B 264 -18.55 -24.80 12.13
N MET B 265 -17.82 -23.86 12.75
CA MET B 265 -17.41 -22.63 12.06
C MET B 265 -15.95 -22.30 12.37
N LEU B 266 -15.17 -22.02 11.33
CA LEU B 266 -13.89 -21.31 11.46
C LEU B 266 -14.11 -19.86 11.03
N PHE B 267 -13.29 -18.96 11.55
CA PHE B 267 -13.48 -17.51 11.33
C PHE B 267 -12.32 -16.93 10.53
N ALA B 268 -12.66 -16.22 9.45
CA ALA B 268 -11.66 -15.69 8.52
C ALA B 268 -11.73 -14.17 8.46
N PHE B 269 -10.57 -13.53 8.62
CA PHE B 269 -10.41 -12.07 8.59
C PHE B 269 -9.73 -11.73 7.27
N SER B 270 -10.27 -10.76 6.53
CA SER B 270 -9.72 -10.44 5.20
C SER B 270 -9.97 -8.99 4.82
N PRO B 271 -8.95 -8.14 4.92
CA PRO B 271 -8.97 -6.84 4.25
C PRO B 271 -8.88 -7.04 2.75
N ASP B 272 -9.00 -5.95 2.00
CA ASP B 272 -8.60 -5.96 0.61
C ASP B 272 -7.07 -5.85 0.57
N ASN B 273 -6.53 -5.03 -0.33
CA ASN B 273 -5.09 -5.04 -0.59
C ASN B 273 -4.38 -3.77 -0.15
N ARG B 274 -5.00 -2.98 0.72
CA ARG B 274 -4.52 -1.64 1.03
C ARG B 274 -3.63 -1.67 2.28
N PHE B 275 -2.59 -2.50 2.20
CA PHE B 275 -1.56 -2.53 3.23
C PHE B 275 -0.22 -2.94 2.62
N PHE B 276 0.86 -2.51 3.26
CA PHE B 276 2.19 -2.85 2.80
C PHE B 276 3.07 -3.35 3.93
N SER B 277 2.50 -3.64 5.08
CA SER B 277 3.30 -3.94 6.25
C SER B 277 2.46 -4.77 7.20
N GLU B 278 3.14 -5.55 8.04
CA GLU B 278 2.43 -6.30 9.07
C GLU B 278 1.61 -5.37 9.94
N SER B 279 2.14 -4.20 10.29
CA SER B 279 1.40 -3.32 11.18
C SER B 279 0.12 -2.82 10.53
N GLU B 280 0.17 -2.50 9.23
CA GLU B 280 -1.05 -2.05 8.59
C GLU B 280 -2.04 -3.20 8.36
N TYR B 281 -1.54 -4.42 8.09
CA TYR B 281 -2.48 -5.55 8.00
C TYR B 281 -3.19 -5.77 9.32
N LEU B 282 -2.48 -5.58 10.45
CA LEU B 282 -3.04 -5.83 11.78
C LEU B 282 -3.81 -4.64 12.38
N ALA B 283 -3.93 -3.55 11.64
CA ALA B 283 -4.51 -2.33 12.20
C ALA B 283 -5.88 -2.57 12.82
N ARG B 284 -6.76 -3.33 12.13
CA ARG B 284 -8.10 -3.61 12.65
C ARG B 284 -8.29 -5.08 12.98
N TYR B 285 -7.19 -5.80 13.22
CA TYR B 285 -7.25 -7.22 13.56
C TYR B 285 -7.79 -7.39 14.97
N PRO B 286 -8.78 -8.25 15.18
CA PRO B 286 -9.44 -8.34 16.49
C PRO B 286 -8.73 -9.23 17.49
N GLY B 287 -7.65 -9.90 17.08
CA GLY B 287 -6.88 -10.65 18.04
C GLY B 287 -6.83 -12.13 17.72
N ASP B 288 -5.75 -12.78 18.18
CA ASP B 288 -5.54 -14.20 17.83
C ASP B 288 -6.65 -15.09 18.39
N ASP B 289 -7.33 -14.66 19.46
CA ASP B 289 -8.43 -15.46 20.01
C ASP B 289 -9.70 -15.38 19.17
N PHE B 290 -9.73 -14.59 18.09
CA PHE B 290 -10.95 -14.37 17.31
C PHE B 290 -10.82 -14.71 15.83
N VAL B 291 -9.65 -15.15 15.36
CA VAL B 291 -9.41 -15.36 13.95
C VAL B 291 -8.70 -16.70 13.77
N ASP B 292 -9.23 -17.54 12.86
CA ASP B 292 -8.58 -18.80 12.45
C ASP B 292 -7.82 -18.67 11.14
N ILE B 293 -8.39 -17.97 10.18
CA ILE B 293 -7.84 -17.80 8.84
C ILE B 293 -7.48 -16.33 8.66
N MET B 294 -6.22 -16.06 8.29
CA MET B 294 -5.79 -14.71 7.93
C MET B 294 -5.82 -14.63 6.41
N GLY B 295 -6.71 -13.80 5.88
CA GLY B 295 -6.89 -13.69 4.45
C GLY B 295 -6.63 -12.27 3.96
N MET B 296 -6.71 -12.13 2.65
CA MET B 296 -6.77 -10.83 2.01
C MET B 296 -7.47 -11.06 0.66
N ASP B 297 -8.12 -10.03 0.15
CA ASP B 297 -8.67 -10.02 -1.20
C ASP B 297 -7.79 -9.16 -2.09
N ASN B 298 -7.57 -9.60 -3.34
CA ASN B 298 -6.70 -8.81 -4.22
C ASN B 298 -7.14 -8.99 -5.67
N TYR B 299 -7.87 -8.00 -6.17
CA TYR B 299 -8.06 -7.81 -7.60
C TYR B 299 -7.18 -6.70 -8.14
N GLY B 300 -6.97 -5.63 -7.36
CA GLY B 300 -6.35 -4.43 -7.92
C GLY B 300 -4.94 -4.66 -8.45
N ASP B 301 -4.13 -5.43 -7.72
CA ASP B 301 -2.75 -5.63 -8.13
C ASP B 301 -2.63 -6.50 -9.37
N PHE B 302 -3.70 -7.19 -9.76
CA PHE B 302 -3.72 -7.99 -10.96
C PHE B 302 -4.43 -7.33 -12.13
N ASN B 303 -5.01 -6.14 -11.94
CA ASN B 303 -5.87 -5.53 -12.96
C ASN B 303 -5.02 -4.72 -13.94
N ASN B 304 -4.37 -5.44 -14.87
CA ASN B 304 -3.52 -4.82 -15.89
C ASN B 304 -2.44 -3.93 -15.27
N GLN B 305 -1.77 -4.44 -14.24
CA GLN B 305 -0.74 -3.67 -13.57
C GLN B 305 0.66 -4.24 -13.82
N GLY B 306 0.78 -5.19 -14.75
CA GLY B 306 2.10 -5.69 -15.10
C GLY B 306 2.79 -6.45 -13.98
N GLN B 307 4.09 -6.66 -14.17
CA GLN B 307 4.85 -7.41 -13.18
C GLN B 307 4.99 -6.65 -11.86
N ALA B 308 5.01 -5.32 -11.91
CA ALA B 308 5.02 -4.57 -10.67
C ALA B 308 3.82 -4.92 -9.79
N GLY B 309 2.64 -5.06 -10.40
CA GLY B 309 1.47 -5.45 -9.61
C GLY B 309 1.58 -6.87 -9.10
N VAL B 310 2.13 -7.77 -9.92
CA VAL B 310 2.36 -9.15 -9.45
C VAL B 310 3.26 -9.13 -8.23
N GLU B 311 4.30 -8.30 -8.25
CA GLU B 311 5.21 -8.19 -7.11
C GLU B 311 4.51 -7.62 -5.88
N ARG B 312 3.70 -6.58 -6.05
CA ARG B 312 2.90 -6.09 -4.91
C ARG B 312 2.04 -7.20 -4.33
N ALA B 313 1.39 -7.98 -5.19
CA ALA B 313 0.48 -9.02 -4.70
C ALA B 313 1.24 -10.07 -3.93
N ASN B 314 2.43 -10.42 -4.40
CA ASN B 314 3.24 -11.43 -3.71
C ASN B 314 3.75 -10.89 -2.38
N GLN B 315 4.18 -9.64 -2.33
CA GLN B 315 4.71 -9.08 -1.09
C GLN B 315 3.61 -8.97 -0.04
N LYS B 316 2.41 -8.54 -0.45
CA LYS B 316 1.31 -8.46 0.50
C LYS B 316 0.89 -9.85 0.98
N LEU B 317 0.83 -10.84 0.06
CA LEU B 317 0.44 -12.18 0.50
C LEU B 317 1.52 -12.80 1.37
N LYS B 318 2.81 -12.41 1.17
CA LYS B 318 3.86 -12.93 2.04
C LYS B 318 3.73 -12.41 3.46
N ILE B 319 3.28 -11.14 3.61
CA ILE B 319 2.97 -10.61 4.93
C ILE B 319 1.93 -11.50 5.61
N VAL B 320 0.82 -11.76 4.92
CA VAL B 320 -0.23 -12.60 5.49
C VAL B 320 0.34 -13.96 5.84
N SER B 321 1.12 -14.55 4.92
CA SER B 321 1.67 -15.88 5.12
C SER B 321 2.62 -15.91 6.32
N ASP B 322 3.46 -14.87 6.45
CA ASP B 322 4.36 -14.79 7.59
C ASP B 322 3.60 -14.69 8.90
N LEU B 323 2.59 -13.82 8.95
CA LEU B 323 1.81 -13.69 10.17
C LEU B 323 1.10 -15.00 10.51
N ALA B 324 0.57 -15.72 9.50
CA ALA B 324 -0.08 -17.01 9.76
C ALA B 324 0.93 -18.04 10.30
N GLU B 325 2.16 -18.02 9.78
CA GLU B 325 3.20 -18.90 10.33
C GLU B 325 3.49 -18.57 11.79
N GLU B 326 3.61 -17.28 12.11
CA GLU B 326 3.96 -16.86 13.46
C GLU B 326 2.85 -17.16 14.46
N ARG B 327 1.59 -16.97 14.07
CA ARG B 327 0.47 -17.04 15.00
C ARG B 327 -0.31 -18.34 14.89
N VAL B 328 0.20 -19.31 14.13
CA VAL B 328 -0.44 -20.61 13.94
C VAL B 328 -1.85 -20.44 13.40
N LYS B 329 -1.97 -19.72 12.29
CA LYS B 329 -3.23 -19.52 11.58
C LYS B 329 -3.09 -20.11 10.18
N ILE B 330 -4.18 -20.11 9.45
CA ILE B 330 -4.15 -20.51 8.05
C ILE B 330 -4.17 -19.23 7.24
N ALA B 331 -3.24 -19.08 6.28
CA ALA B 331 -3.28 -17.93 5.36
C ALA B 331 -4.07 -18.24 4.10
N SER B 332 -4.60 -17.19 3.46
CA SER B 332 -5.38 -17.38 2.23
C SER B 332 -5.47 -16.09 1.44
N LEU B 333 -5.49 -16.22 0.11
CA LEU B 333 -5.98 -15.18 -0.80
C LEU B 333 -7.47 -15.48 -1.00
N THR B 334 -8.30 -14.86 -0.15
CA THR B 334 -9.71 -15.26 -0.06
C THR B 334 -10.55 -14.84 -1.28
N GLU B 335 -10.10 -13.86 -2.05
CA GLU B 335 -10.76 -13.52 -3.31
C GLU B 335 -9.70 -13.01 -4.26
N THR B 336 -9.83 -13.39 -5.53
CA THR B 336 -8.96 -12.85 -6.55
C THR B 336 -9.58 -13.13 -7.92
N GLY B 337 -8.87 -12.67 -8.95
CA GLY B 337 -9.34 -12.86 -10.30
C GLY B 337 -9.07 -11.65 -11.16
N TYR B 338 -9.22 -11.84 -12.46
CA TYR B 338 -9.20 -10.73 -13.41
C TYR B 338 -10.44 -10.89 -14.27
N PHE B 339 -11.40 -9.96 -14.15
CA PHE B 339 -12.70 -10.09 -14.78
C PHE B 339 -12.64 -9.69 -16.24
N VAL B 340 -13.05 -10.60 -17.11
CA VAL B 340 -13.07 -10.39 -18.55
C VAL B 340 -14.51 -10.37 -19.02
N THR B 341 -14.88 -9.34 -19.77
CA THR B 341 -16.15 -9.24 -20.48
C THR B 341 -15.82 -9.07 -21.95
N LEU B 342 -16.25 -10.02 -22.79
CA LEU B 342 -15.75 -10.10 -24.16
C LEU B 342 -15.96 -8.81 -24.95
N SER B 343 -17.05 -8.09 -24.70
CA SER B 343 -17.34 -6.89 -25.46
C SER B 343 -16.70 -5.64 -24.89
N GLU B 344 -16.14 -5.71 -23.68
CA GLU B 344 -15.50 -4.57 -23.02
C GLU B 344 -13.99 -4.67 -22.92
N ASN B 345 -13.46 -5.82 -22.47
CA ASN B 345 -12.02 -6.01 -22.31
C ASN B 345 -11.65 -7.41 -22.79
N GLY B 346 -10.38 -7.79 -22.56
CA GLY B 346 -9.87 -9.07 -22.99
C GLY B 346 -8.92 -9.65 -21.95
N ALA B 347 -8.49 -10.88 -22.20
CA ALA B 347 -7.66 -11.60 -21.25
C ALA B 347 -6.25 -11.02 -21.21
N ILE B 348 -5.55 -11.31 -20.12
CA ILE B 348 -4.17 -10.89 -19.92
C ILE B 348 -3.25 -12.06 -20.26
N PRO B 349 -2.33 -11.91 -21.21
CA PRO B 349 -1.50 -13.06 -21.59
C PRO B 349 -0.75 -13.65 -20.41
N GLY B 350 -0.90 -14.96 -20.22
CA GLY B 350 -0.22 -15.61 -19.13
C GLY B 350 -0.70 -15.25 -17.74
N PHE B 351 -1.90 -14.65 -17.62
CA PHE B 351 -2.37 -14.21 -16.30
C PHE B 351 -2.26 -15.30 -15.24
N PHE B 352 -2.84 -16.47 -15.51
CA PHE B 352 -2.93 -17.49 -14.47
C PHE B 352 -1.57 -18.09 -14.17
N THR B 353 -0.82 -18.42 -15.21
CA THR B 353 0.43 -19.15 -15.01
C THR B 353 1.58 -18.23 -14.60
N ASN B 354 1.67 -17.05 -15.20
CA ASN B 354 2.81 -16.16 -14.98
C ASN B 354 2.55 -15.06 -13.95
N ASN B 355 1.29 -14.71 -13.69
CA ASN B 355 0.99 -13.64 -12.76
C ASN B 355 0.41 -14.19 -11.46
N LEU B 356 -0.80 -14.76 -11.50
CA LEU B 356 -1.42 -15.27 -10.28
C LEU B 356 -0.57 -16.35 -9.62
N PHE B 357 -0.15 -17.36 -10.39
CA PHE B 357 0.57 -18.48 -9.79
C PHE B 357 1.86 -18.02 -9.13
N GLU B 358 2.58 -17.09 -9.78
CA GLU B 358 3.80 -16.56 -9.21
C GLU B 358 3.53 -15.79 -7.92
N ALA B 359 2.46 -14.98 -7.89
CA ALA B 359 2.12 -14.28 -6.65
C ALA B 359 1.81 -15.27 -5.53
N LEU B 360 1.16 -16.39 -5.86
CA LEU B 360 0.78 -17.38 -4.85
C LEU B 360 1.92 -18.25 -4.35
N THR B 361 3.08 -18.26 -5.02
CA THR B 361 4.09 -19.25 -4.67
C THR B 361 5.47 -18.65 -4.42
N HIS B 362 5.80 -17.54 -5.09
CA HIS B 362 7.15 -17.01 -5.00
C HIS B 362 7.48 -16.63 -3.56
N ASN B 363 8.75 -16.79 -3.20
CA ASN B 363 9.26 -16.44 -1.88
C ASN B 363 8.59 -17.25 -0.77
N ASP B 364 8.28 -18.51 -1.03
CA ASP B 364 7.80 -19.43 0.02
C ASP B 364 6.52 -18.94 0.69
N VAL B 365 5.61 -18.33 -0.08
CA VAL B 365 4.27 -18.09 0.43
C VAL B 365 3.61 -19.44 0.76
N LYS B 366 2.90 -19.49 1.88
CA LYS B 366 2.16 -20.68 2.30
C LYS B 366 0.72 -20.27 2.56
N ILE B 367 -0.20 -20.76 1.74
CA ILE B 367 -1.63 -20.44 1.88
C ILE B 367 -2.42 -21.74 1.78
N GLY B 368 -3.54 -21.81 2.50
CA GLY B 368 -4.38 -22.99 2.44
C GLY B 368 -5.27 -23.05 1.20
N PHE B 369 -5.70 -21.89 0.70
CA PHE B 369 -6.63 -21.86 -0.41
C PHE B 369 -6.65 -20.47 -1.01
N THR B 370 -7.11 -20.41 -2.26
CA THR B 370 -7.49 -19.16 -2.88
C THR B 370 -8.81 -19.40 -3.59
N MET B 371 -9.55 -18.33 -3.84
CA MET B 371 -10.89 -18.45 -4.40
C MET B 371 -11.12 -17.36 -5.41
N PHE B 372 -11.62 -17.77 -6.58
CA PHE B 372 -12.06 -16.83 -7.59
C PHE B 372 -13.49 -16.38 -7.31
N TRP B 373 -13.80 -15.15 -7.72
CA TRP B 373 -15.19 -14.70 -7.70
C TRP B 373 -15.98 -15.47 -8.76
N TYR B 374 -17.28 -15.26 -8.77
CA TYR B 374 -18.12 -15.98 -9.70
C TYR B 374 -18.02 -15.58 -11.17
N ASN B 375 -18.43 -16.50 -12.00
CA ASN B 375 -18.66 -16.23 -13.43
C ASN B 375 -20.18 -15.91 -13.53
N TYR B 376 -20.51 -14.87 -14.27
CA TYR B 376 -21.89 -14.47 -14.39
C TYR B 376 -22.13 -13.85 -15.75
N GLN B 377 -23.15 -14.29 -16.45
CA GLN B 377 -23.52 -13.69 -17.74
C GLN B 377 -22.36 -13.63 -18.68
N ASP B 378 -22.02 -12.44 -19.14
CA ASP B 378 -20.94 -12.30 -20.05
C ASP B 378 -19.61 -11.97 -19.46
N THR B 379 -19.56 -12.04 -18.13
CA THR B 379 -18.31 -11.78 -17.41
C THR B 379 -17.74 -13.03 -16.71
N TYR B 380 -16.48 -13.27 -16.91
CA TYR B 380 -15.84 -14.42 -16.30
C TYR B 380 -14.45 -14.17 -15.73
N CYS B 381 -14.13 -14.90 -14.66
CA CYS B 381 -12.81 -14.86 -14.14
C CYS B 381 -12.11 -16.21 -14.16
N THR B 382 -12.86 -17.27 -14.50
CA THR B 382 -12.24 -18.52 -14.88
C THR B 382 -12.84 -18.94 -16.21
N PRO B 383 -12.03 -19.42 -17.16
CA PRO B 383 -12.52 -19.67 -18.51
C PRO B 383 -13.24 -20.99 -18.64
N VAL B 384 -14.04 -21.08 -19.71
CA VAL B 384 -14.58 -22.35 -20.18
C VAL B 384 -13.98 -22.63 -21.55
N PRO B 385 -14.08 -23.87 -22.03
CA PRO B 385 -13.44 -24.22 -23.31
C PRO B 385 -13.81 -23.24 -24.42
N GLY B 386 -12.80 -22.84 -25.21
CA GLY B 386 -12.99 -21.89 -26.28
C GLY B 386 -12.70 -20.45 -25.92
N LEU B 387 -12.55 -20.14 -24.65
CA LEU B 387 -12.23 -18.76 -24.32
C LEU B 387 -10.71 -18.55 -24.32
N PRO B 388 -10.27 -17.31 -24.59
CA PRO B 388 -8.83 -17.07 -24.85
C PRO B 388 -7.86 -17.60 -23.81
N SER B 389 -8.17 -17.46 -22.52
CA SER B 389 -7.29 -17.85 -21.41
C SER B 389 -7.43 -19.32 -21.03
N ALA B 390 -8.18 -20.13 -21.79
CA ALA B 390 -8.35 -21.53 -21.46
C ALA B 390 -7.01 -22.25 -21.27
N ASN B 391 -6.11 -22.14 -22.26
CA ASN B 391 -4.85 -22.89 -22.18
C ASN B 391 -4.01 -22.43 -21.00
N ASP B 392 -3.95 -21.11 -20.79
CA ASP B 392 -3.24 -20.56 -19.63
C ASP B 392 -3.82 -21.08 -18.31
N PHE B 393 -5.14 -21.12 -18.17
CA PHE B 393 -5.74 -21.68 -16.96
C PHE B 393 -5.41 -23.15 -16.79
N MET B 394 -5.42 -23.94 -17.87
CA MET B 394 -5.07 -25.36 -17.75
C MET B 394 -3.63 -25.54 -17.30
N GLU B 395 -2.72 -24.70 -17.78
CA GLU B 395 -1.33 -24.81 -17.34
C GLU B 395 -1.23 -24.53 -15.84
N PHE B 396 -1.97 -23.52 -15.39
CA PHE B 396 -1.99 -23.15 -13.97
C PHE B 396 -2.51 -24.29 -13.10
N VAL B 397 -3.68 -24.84 -13.44
CA VAL B 397 -4.25 -25.87 -12.56
C VAL B 397 -3.54 -27.21 -12.66
N SER B 398 -2.63 -27.36 -13.63
CA SER B 398 -1.79 -28.55 -13.73
C SER B 398 -0.53 -28.46 -12.88
N LYS B 399 -0.25 -27.30 -12.27
CA LYS B 399 0.93 -27.18 -11.44
C LYS B 399 0.75 -28.07 -10.20
N PRO B 400 1.82 -28.67 -9.69
CA PRO B 400 1.65 -29.62 -8.58
C PRO B 400 1.02 -29.01 -7.36
N GLU B 401 1.23 -27.70 -7.16
CA GLU B 401 0.74 -27.04 -5.96
C GLU B 401 -0.78 -26.94 -5.96
N VAL B 402 -1.43 -26.97 -7.13
CA VAL B 402 -2.86 -26.66 -7.19
C VAL B 402 -3.70 -27.91 -6.87
N ILE B 403 -4.68 -27.74 -5.99
CA ILE B 403 -5.57 -28.81 -5.54
C ILE B 403 -6.99 -28.46 -5.97
N LEU B 404 -7.54 -29.29 -6.82
CA LEU B 404 -8.93 -29.25 -7.23
C LEU B 404 -9.70 -30.44 -6.57
N ALA B 405 -10.98 -30.62 -6.88
CA ALA B 405 -11.73 -31.71 -6.24
C ALA B 405 -11.12 -33.10 -6.43
N ASP B 406 -10.62 -33.36 -7.62
CA ASP B 406 -10.05 -34.67 -7.89
C ASP B 406 -8.86 -35.00 -6.99
N ASP B 407 -8.02 -34.03 -6.66
CA ASP B 407 -6.90 -34.30 -5.80
C ASP B 407 -6.99 -33.86 -4.33
N LEU B 408 -8.20 -33.59 -3.88
CA LEU B 408 -8.37 -33.20 -2.51
C LEU B 408 -7.98 -34.32 -1.59
N PRO B 409 -7.38 -33.95 -0.48
CA PRO B 409 -7.15 -34.88 0.61
C PRO B 409 -8.49 -35.05 1.38
N GLU B 410 -8.55 -36.04 2.25
CA GLU B 410 -9.71 -36.17 3.13
C GLU B 410 -9.60 -35.06 4.17
N MET B 411 -10.26 -33.94 3.91
CA MET B 411 -10.05 -32.76 4.73
C MET B 411 -10.73 -32.85 6.09
N TYR B 412 -11.65 -33.79 6.27
CA TYR B 412 -12.52 -33.81 7.45
C TYR B 412 -12.15 -34.96 8.37
N ARG B 413 -11.04 -35.62 8.08
CA ARG B 413 -10.51 -36.71 8.89
C ARG B 413 -9.21 -36.21 9.50
N LEU B 414 -9.11 -36.30 10.82
CA LEU B 414 -7.92 -35.88 11.51
C LEU B 414 -7.03 -37.10 11.61
N PRO B 415 -5.79 -37.05 11.11
CA PRO B 415 -4.94 -38.24 11.18
C PRO B 415 -4.44 -38.44 12.59
N PRO B 416 -4.13 -39.68 12.99
CA PRO B 416 -3.51 -39.89 14.29
C PRO B 416 -2.11 -39.31 14.34
N ASN B 417 -1.67 -39.00 15.56
CA ASN B 417 -0.30 -38.51 15.79
C ASN B 417 0.73 -39.49 15.24
C TRS C . 16.21 7.42 -6.14
C1 TRS C . 16.82 8.76 -5.79
C2 TRS C . 16.85 6.36 -5.24
C3 TRS C . 16.44 7.15 -7.64
N TRS C . 14.76 7.46 -5.89
O1 TRS C . 16.55 9.05 -4.41
O2 TRS C . 18.26 6.32 -5.47
O3 TRS C . 15.83 5.96 -8.08
C TRS D . -16.65 -8.34 -4.10
C1 TRS D . -17.28 -7.16 -3.36
C2 TRS D . -17.13 -9.63 -3.46
C3 TRS D . -17.00 -8.36 -5.60
N TRS D . -15.18 -8.25 -3.95
O1 TRS D . -18.70 -7.18 -3.54
O2 TRS D . -16.80 -9.64 -2.08
O3 TRS D . -16.35 -7.36 -6.35
#